data_6UBI
#
_entry.id   6UBI
#
_cell.length_a   80.933
_cell.length_b   44.278
_cell.length_c   125.375
_cell.angle_alpha   90.000
_cell.angle_beta   96.200
_cell.angle_gamma   90.000
#
_symmetry.space_group_name_H-M   'P 1 21 1'
#
loop_
_entity.id
_entity.type
_entity.pdbx_description
1 polymer 'VRC34.05 heavy chain'
2 polymer 'VRC34.05 light chain'
3 polymer 'HIV fusion peptide 512-519'
4 water water
#
loop_
_entity_poly.entity_id
_entity_poly.type
_entity_poly.pdbx_seq_one_letter_code
_entity_poly.pdbx_strand_id
1 'polypeptide(L)'
;SQYLAQSGSEVKKPGASVKVSCRLHGDKFGAHYIHWVRQAPGQGLEWLGFFHPGTGDAVSAQKFQGRISLTRDTSISTGY
LEVRRLSSDDTAVYYCARDKTYSDEATGMDIWGQGTTVIVSSASTKGPSVFPLAPSSKSTSGGTAALGCLVKDYFPEPVT
VSWNSGALTSGVHTFPAVLQSSGLYSLSSVVTVPSSSLGTQTYICNVNHKPSNTKVDKKVEPKSCDKTH
;
A,D
2 'polypeptide(L)'
;DIKLTQSPAFLSASVGERVTFTCRASQDIRHELVWYQQKPGRGPKLLIYYGSTLEGGVPSRFSGRRSGTEFTVTISSLQP
EDVGTYYCQQLNSFPLTFGGGTTVDIRRTVAAPSVFIFPPSDEQLKSGTASVVCLLNNFYPREAKVQWKVDNALQSGNSQ
ESVTEQDSKDSTYSLSSTLTLSKADYEKHKVYACEVTHQGLSSPVTKSFNRG
;
B,E
3 'polypeptide(L)' AVGIGAVF C,F
#
# COMPACT_ATOMS: atom_id res chain seq x y z
N SER A 1 -16.86 36.59 -19.89
CA SER A 1 -16.54 35.38 -19.15
C SER A 1 -15.07 35.35 -18.71
N GLN A 2 -14.84 35.03 -17.45
CA GLN A 2 -13.49 34.72 -16.96
C GLN A 2 -13.35 33.22 -16.79
N TYR A 3 -12.46 32.59 -17.56
CA TYR A 3 -12.22 31.16 -17.36
C TYR A 3 -10.74 30.80 -17.24
N LEU A 4 -10.49 29.66 -16.62
CA LEU A 4 -9.13 29.12 -16.49
C LEU A 4 -9.01 27.87 -17.35
N ALA A 5 -8.10 27.90 -18.31
CA ALA A 5 -7.85 26.77 -19.18
C ALA A 5 -6.57 26.03 -18.80
N GLN A 6 -6.67 24.75 -18.46
CA GLN A 6 -5.46 24.04 -18.05
C GLN A 6 -4.91 23.15 -19.17
N SER A 7 -3.73 22.59 -18.94
CA SER A 7 -3.07 21.71 -19.88
C SER A 7 -3.70 20.32 -19.83
N GLY A 8 -3.48 19.49 -20.84
CA GLY A 8 -4.10 18.18 -20.87
C GLY A 8 -3.45 17.11 -20.01
N SER A 9 -4.06 15.91 -20.02
CA SER A 9 -3.64 14.82 -19.16
C SER A 9 -2.17 14.42 -19.34
N GLU A 10 -1.54 13.98 -18.25
CA GLU A 10 -0.14 13.55 -18.29
C GLU A 10 0.05 12.12 -17.79
N VAL A 11 1.07 11.46 -18.31
CA VAL A 11 1.59 10.24 -17.71
C VAL A 11 3.07 10.36 -17.42
N LYS A 12 3.46 10.10 -16.18
CA LYS A 12 4.85 10.21 -15.75
C LYS A 12 5.27 8.99 -14.94
N LYS A 13 6.54 8.60 -15.08
CA LYS A 13 7.09 7.49 -14.31
C LYS A 13 7.53 7.93 -12.92
N PRO A 14 7.56 6.98 -11.97
CA PRO A 14 8.02 7.31 -10.62
C PRO A 14 9.41 7.96 -10.64
N GLY A 15 9.59 9.02 -9.86
CA GLY A 15 10.85 9.73 -9.86
C GLY A 15 10.94 10.88 -10.84
N ALA A 16 10.08 10.86 -11.87
CA ALA A 16 10.09 11.95 -12.86
C ALA A 16 9.51 13.23 -12.28
N SER A 17 9.52 14.30 -13.07
CA SER A 17 8.86 15.53 -12.68
C SER A 17 7.74 15.84 -13.67
N VAL A 18 6.77 16.62 -13.22
CA VAL A 18 5.68 17.07 -14.09
C VAL A 18 5.54 18.59 -13.98
N LYS A 19 5.06 19.22 -15.04
CA LYS A 19 4.75 20.64 -14.96
C LYS A 19 3.40 20.92 -15.61
N VAL A 20 2.46 21.42 -14.80
CA VAL A 20 1.09 21.69 -15.23
C VAL A 20 0.94 23.20 -15.49
N SER A 21 0.12 23.58 -16.47
CA SER A 21 -0.01 24.98 -16.83
C SER A 21 -1.48 25.40 -16.79
N CYS A 22 -1.71 26.63 -16.38
CA CYS A 22 -3.05 27.14 -16.15
C CYS A 22 -3.13 28.54 -16.73
N ARG A 23 -4.03 28.74 -17.69
CA ARG A 23 -4.06 30.03 -18.37
C ARG A 23 -5.37 30.75 -18.13
N LEU A 24 -5.25 32.01 -17.74
CA LEU A 24 -6.40 32.84 -17.37
C LEU A 24 -6.88 33.67 -18.55
N HIS A 25 -8.15 33.51 -18.89
CA HIS A 25 -8.75 34.25 -20.00
C HIS A 25 -9.82 35.20 -19.49
N GLY A 26 -9.99 36.34 -20.16
CA GLY A 26 -11.11 37.22 -19.88
C GLY A 26 -10.93 38.25 -18.77
N ASP A 27 -9.76 38.27 -18.14
CA ASP A 27 -9.49 39.31 -17.15
C ASP A 27 -8.00 39.57 -16.96
N LYS A 28 -7.67 40.52 -16.09
CA LYS A 28 -6.28 40.84 -15.78
C LYS A 28 -5.68 39.71 -14.96
N PHE A 29 -4.59 39.12 -15.45
CA PHE A 29 -3.91 38.05 -14.73
C PHE A 29 -3.40 38.45 -13.35
N GLY A 30 -3.12 39.74 -13.17
CA GLY A 30 -2.60 40.22 -11.90
C GLY A 30 -3.60 40.67 -10.86
N ALA A 31 -4.89 40.60 -11.17
CA ALA A 31 -5.93 41.10 -10.27
C ALA A 31 -6.29 40.17 -9.12
N HIS A 32 -6.04 38.87 -9.26
CA HIS A 32 -6.41 37.92 -8.22
C HIS A 32 -5.36 36.85 -7.92
N TYR A 33 -5.37 36.36 -6.69
CA TYR A 33 -4.52 35.24 -6.31
C TYR A 33 -5.00 33.98 -7.06
N ILE A 34 -4.12 33.03 -7.19
CA ILE A 34 -4.46 31.78 -7.86
C ILE A 34 -3.92 30.62 -7.04
N HIS A 35 -4.77 29.61 -6.82
CA HIS A 35 -4.45 28.45 -6.00
C HIS A 35 -4.25 27.19 -6.84
N TRP A 36 -3.45 26.26 -6.33
CA TRP A 36 -3.42 24.89 -6.84
C TRP A 36 -3.98 23.93 -5.79
N VAL A 37 -4.87 23.05 -6.23
CA VAL A 37 -5.51 22.06 -5.36
C VAL A 37 -5.49 20.74 -6.13
N ARG A 38 -5.39 19.62 -5.41
CA ARG A 38 -5.40 18.32 -6.08
C ARG A 38 -6.33 17.35 -5.36
N GLN A 39 -6.84 16.38 -6.12
CA GLN A 39 -7.71 15.36 -5.56
C GLN A 39 -7.33 14.00 -6.13
N ALA A 40 -6.85 13.12 -5.26
CA ALA A 40 -6.46 11.77 -5.65
C ALA A 40 -7.70 10.92 -5.88
N PRO A 41 -7.57 9.81 -6.62
CA PRO A 41 -8.78 9.02 -6.90
C PRO A 41 -9.50 8.53 -5.65
N GLY A 42 -10.79 8.84 -5.54
CA GLY A 42 -11.58 8.47 -4.39
C GLY A 42 -11.35 9.25 -3.10
N GLN A 43 -10.46 10.23 -3.13
CA GLN A 43 -10.14 10.99 -1.93
C GLN A 43 -10.69 12.40 -1.99
N GLY A 44 -10.40 13.18 -0.95
CA GLY A 44 -10.87 14.57 -0.86
C GLY A 44 -9.95 15.61 -1.48
N LEU A 45 -10.23 16.87 -1.22
CA LEU A 45 -9.41 17.96 -1.77
C LEU A 45 -8.17 18.22 -0.92
N GLU A 46 -7.08 18.62 -1.57
CA GLU A 46 -5.85 18.93 -0.86
C GLU A 46 -5.20 20.20 -1.39
N TRP A 47 -4.92 21.14 -0.49
CA TRP A 47 -4.29 22.41 -0.87
C TRP A 47 -2.79 22.24 -1.05
N LEU A 48 -2.30 22.73 -2.19
CA LEU A 48 -0.89 22.66 -2.56
C LEU A 48 -0.20 24.01 -2.35
N GLY A 49 -0.73 25.07 -2.97
CA GLY A 49 -0.17 26.40 -2.76
C GLY A 49 -0.93 27.49 -3.48
N PHE A 50 -0.43 28.74 -3.35
CA PHE A 50 -1.01 29.85 -4.06
C PHE A 50 -0.01 30.98 -4.34
N PHE A 51 -0.33 31.86 -5.27
CA PHE A 51 0.62 32.89 -5.65
C PHE A 51 0.13 34.17 -6.14
N HIS A 52 1.00 35.17 -6.00
CA HIS A 52 0.84 36.51 -6.46
C HIS A 52 1.33 36.55 -8.00
N PRO A 53 0.14 36.60 -9.02
CA PRO A 53 0.57 36.50 -10.41
C PRO A 53 1.27 37.75 -10.91
N GLY A 54 1.01 38.89 -10.27
CA GLY A 54 1.74 40.10 -10.58
C GLY A 54 3.18 40.09 -10.10
N THR A 55 3.37 39.85 -8.81
CA THR A 55 4.69 39.87 -8.19
C THR A 55 5.48 38.57 -8.35
N GLY A 56 4.76 37.45 -8.42
CA GLY A 56 5.39 36.14 -8.43
C GLY A 56 5.57 35.51 -7.06
N ASP A 57 5.22 36.23 -6.02
CA ASP A 57 5.32 35.70 -4.72
C ASP A 57 4.41 34.53 -4.55
N ALA A 58 4.89 33.52 -3.86
CA ALA A 58 4.10 32.33 -3.66
C ALA A 58 4.34 31.61 -2.35
N VAL A 59 3.37 30.82 -1.93
CA VAL A 59 3.48 30.04 -0.75
C VAL A 59 3.04 28.63 -1.11
N SER A 60 3.80 27.65 -0.69
CA SER A 60 3.41 26.26 -0.90
C SER A 60 3.16 25.64 0.47
N ALA A 61 2.27 24.65 0.50
CA ALA A 61 1.98 23.92 1.73
C ALA A 61 3.25 23.26 2.27
N GLN A 62 3.41 23.27 3.58
CA GLN A 62 4.58 22.71 4.25
C GLN A 62 4.91 21.30 3.78
N LYS A 63 3.88 20.48 3.60
CA LYS A 63 4.03 19.10 3.12
C LYS A 63 4.84 19.01 1.80
N PHE A 64 4.60 19.94 0.90
CA PHE A 64 5.20 19.91 -0.43
C PHE A 64 6.41 20.84 -0.59
N GLN A 65 6.71 21.60 0.46
CA GLN A 65 7.81 22.58 0.41
C GLN A 65 9.14 21.98 0.00
N GLY A 66 9.75 22.57 -1.02
CA GLY A 66 11.00 22.12 -1.60
C GLY A 66 10.78 21.11 -2.71
N ARG A 67 9.63 20.44 -2.67
CA ARG A 67 9.28 19.49 -3.71
C ARG A 67 8.48 20.08 -4.89
N ILE A 68 7.78 21.18 -4.65
CA ILE A 68 7.04 21.83 -5.73
C ILE A 68 7.47 23.28 -5.93
N SER A 69 7.15 23.85 -7.09
CA SER A 69 7.41 25.26 -7.36
C SER A 69 6.26 25.85 -8.17
N LEU A 70 5.81 27.04 -7.80
CA LEU A 70 4.71 27.70 -8.48
C LEU A 70 5.23 28.94 -9.20
N THR A 71 5.22 28.93 -10.52
CA THR A 71 5.67 30.10 -11.27
C THR A 71 4.56 30.58 -12.19
N ARG A 72 4.86 31.62 -12.96
CA ARG A 72 3.87 32.18 -13.87
C ARG A 72 4.63 32.94 -14.94
N ASP A 73 3.99 33.22 -16.07
CA ASP A 73 4.58 34.05 -17.09
C ASP A 73 3.54 35.11 -17.43
N THR A 74 3.85 36.36 -17.06
CA THR A 74 2.85 37.42 -17.12
C THR A 74 2.48 37.78 -18.54
N SER A 75 3.46 37.70 -19.44
CA SER A 75 3.26 38.01 -20.85
C SER A 75 2.10 37.20 -21.45
N ILE A 76 2.01 35.93 -21.09
CA ILE A 76 0.90 35.07 -21.54
C ILE A 76 -0.23 34.78 -20.52
N SER A 77 -0.21 35.42 -19.35
CA SER A 77 -1.21 35.17 -18.30
C SER A 77 -1.36 33.69 -17.94
N THR A 78 -0.23 33.05 -17.59
CA THR A 78 -0.20 31.60 -17.41
C THR A 78 0.55 31.24 -16.14
N GLY A 79 -0.09 30.48 -15.26
CA GLY A 79 0.61 29.90 -14.12
C GLY A 79 1.07 28.47 -14.33
N TYR A 80 2.09 28.07 -13.57
CA TYR A 80 2.65 26.74 -13.71
C TYR A 80 2.82 26.06 -12.36
N LEU A 81 2.51 24.76 -12.31
CA LEU A 81 2.78 23.94 -11.13
C LEU A 81 3.75 22.83 -11.49
N GLU A 82 4.92 22.86 -10.88
CA GLU A 82 5.91 21.79 -11.08
C GLU A 82 5.96 20.89 -9.85
N VAL A 83 5.77 19.59 -10.06
CA VAL A 83 5.94 18.63 -8.98
C VAL A 83 7.09 17.68 -9.29
N ARG A 84 8.08 17.62 -8.40
CA ARG A 84 9.23 16.76 -8.63
C ARG A 84 9.18 15.47 -7.84
N ARG A 85 10.04 14.54 -8.22
CA ARG A 85 10.21 13.24 -7.57
C ARG A 85 8.86 12.53 -7.34
N LEU A 86 8.13 12.31 -8.42
CA LEU A 86 6.77 11.78 -8.36
C LEU A 86 6.69 10.35 -7.83
N SER A 87 5.65 10.07 -7.05
CA SER A 87 5.28 8.70 -6.68
C SER A 87 3.82 8.42 -7.01
N SER A 88 3.36 7.20 -6.72
CA SER A 88 1.96 6.84 -6.89
C SER A 88 0.99 7.75 -6.11
N ASP A 89 1.45 8.26 -4.98
CA ASP A 89 0.63 9.15 -4.17
C ASP A 89 0.36 10.51 -4.82
N ASP A 90 1.04 10.79 -5.92
CA ASP A 90 0.85 12.04 -6.65
C ASP A 90 -0.14 11.92 -7.80
N THR A 91 -0.68 10.73 -8.02
CA THR A 91 -1.72 10.59 -9.03
C THR A 91 -2.98 11.29 -8.55
N ALA A 92 -3.47 12.20 -9.38
CA ALA A 92 -4.60 13.03 -9.00
C ALA A 92 -4.98 13.93 -10.14
N VAL A 93 -6.12 14.58 -9.98
CA VAL A 93 -6.52 15.65 -10.86
C VAL A 93 -6.06 16.94 -10.18
N TYR A 94 -5.27 17.75 -10.88
CA TYR A 94 -4.74 18.99 -10.32
C TYR A 94 -5.53 20.17 -10.87
N TYR A 95 -6.03 21.01 -9.96
CA TYR A 95 -6.86 22.16 -10.31
C TYR A 95 -6.11 23.46 -10.03
N CYS A 96 -6.27 24.45 -10.91
CA CYS A 96 -5.93 25.83 -10.57
C CYS A 96 -7.24 26.57 -10.33
N ALA A 97 -7.24 27.51 -9.39
CA ALA A 97 -8.48 28.20 -9.09
C ALA A 97 -8.22 29.64 -8.67
N ARG A 98 -9.02 30.56 -9.20
CA ARG A 98 -8.88 31.98 -8.89
C ARG A 98 -9.53 32.27 -7.55
N ASP A 99 -8.87 33.07 -6.76
CA ASP A 99 -9.42 33.43 -5.50
C ASP A 99 -10.19 34.72 -5.69
N LYS A 100 -11.24 34.94 -4.88
CA LYS A 100 -12.00 36.18 -4.91
C LYS A 100 -11.11 37.37 -4.52
N THR A 101 -10.13 37.16 -3.66
CA THR A 101 -9.16 38.10 -3.23
C THR A 101 -9.78 39.39 -2.70
N TYR A 102 -10.58 39.28 -1.67
CA TYR A 102 -11.09 40.44 -0.99
C TYR A 102 -10.14 40.83 0.14
N SER A 103 -9.91 42.11 0.30
CA SER A 103 -9.12 42.76 1.31
C SER A 103 -7.72 42.29 1.35
N ASP A 104 -7.16 42.02 0.18
CA ASP A 104 -5.82 41.53 0.02
C ASP A 104 -5.57 40.31 0.86
N GLU A 105 -6.50 39.39 0.85
CA GLU A 105 -6.45 38.18 1.57
C GLU A 105 -7.25 37.09 0.87
N ALA A 106 -6.90 35.85 1.20
CA ALA A 106 -7.52 34.60 0.64
C ALA A 106 -8.97 34.60 1.01
N THR A 107 -9.85 34.58 0.06
CA THR A 107 -11.23 34.80 0.30
C THR A 107 -12.07 33.62 -0.13
N GLY A 108 -11.62 32.92 -1.10
CA GLY A 108 -12.31 31.75 -1.61
C GLY A 108 -12.11 31.55 -3.10
N MET A 109 -12.05 30.29 -3.52
CA MET A 109 -11.79 29.96 -4.92
C MET A 109 -13.09 29.99 -5.75
N ASP A 110 -13.35 31.12 -6.38
CA ASP A 110 -14.60 31.31 -7.11
C ASP A 110 -14.57 30.90 -8.58
N ILE A 111 -13.38 30.72 -9.14
CA ILE A 111 -13.28 30.26 -10.53
C ILE A 111 -12.28 29.12 -10.66
N TRP A 112 -12.77 27.96 -11.07
CA TRP A 112 -11.96 26.75 -11.12
C TRP A 112 -11.56 26.37 -12.54
N GLY A 113 -10.35 25.84 -12.69
CA GLY A 113 -9.92 25.29 -13.97
C GLY A 113 -10.56 23.94 -14.11
N GLN A 114 -10.53 23.35 -15.31
CA GLN A 114 -11.20 22.08 -15.49
C GLN A 114 -10.38 20.94 -14.90
N GLY A 115 -9.15 21.25 -14.51
CA GLY A 115 -8.26 20.25 -13.94
C GLY A 115 -7.50 19.43 -14.98
N THR A 116 -6.32 18.95 -14.59
CA THR A 116 -5.53 18.04 -15.43
C THR A 116 -5.16 16.82 -14.64
N THR A 117 -5.55 15.65 -15.13
CA THR A 117 -5.17 14.40 -14.48
C THR A 117 -3.68 14.17 -14.70
N VAL A 118 -2.99 13.82 -13.61
CA VAL A 118 -1.60 13.43 -13.69
C VAL A 118 -1.48 12.00 -13.19
N ILE A 119 -1.09 11.11 -14.08
CA ILE A 119 -0.91 9.72 -13.72
C ILE A 119 0.55 9.37 -13.57
N VAL A 120 0.90 8.87 -12.39
CA VAL A 120 2.25 8.39 -12.11
C VAL A 120 2.26 6.87 -12.23
N SER A 121 2.90 6.35 -13.27
CA SER A 121 2.87 4.91 -13.52
C SER A 121 4.04 4.42 -14.39
N SER A 122 4.36 3.14 -14.29
CA SER A 122 5.40 2.55 -15.12
C SER A 122 4.80 1.92 -16.37
N ALA A 123 3.47 1.85 -16.41
CA ALA A 123 2.78 1.28 -17.56
C ALA A 123 3.01 2.08 -18.84
N SER A 124 2.99 1.39 -19.97
CA SER A 124 3.06 2.03 -21.27
C SER A 124 1.68 1.91 -21.94
N THR A 125 1.37 2.85 -22.83
CA THR A 125 0.05 2.93 -23.46
C THR A 125 -0.38 1.60 -24.09
N LYS A 126 -1.57 1.13 -23.73
CA LYS A 126 -2.05 -0.17 -24.22
C LYS A 126 -3.55 -0.14 -24.51
N GLY A 127 -3.93 -0.60 -25.70
CA GLY A 127 -5.33 -0.74 -26.03
C GLY A 127 -5.97 -1.88 -25.28
N PRO A 128 -7.29 -1.86 -25.15
CA PRO A 128 -8.04 -2.87 -24.38
C PRO A 128 -8.29 -4.16 -25.14
N SER A 129 -8.49 -5.25 -24.41
CA SER A 129 -9.15 -6.43 -24.93
C SER A 129 -10.60 -6.37 -24.46
N VAL A 130 -11.55 -6.61 -25.35
CA VAL A 130 -12.96 -6.57 -24.98
C VAL A 130 -13.59 -7.96 -25.05
N PHE A 131 -14.14 -8.40 -23.92
CA PHE A 131 -14.74 -9.73 -23.84
C PHE A 131 -16.21 -9.62 -23.49
N PRO A 132 -17.04 -10.52 -24.06
CA PRO A 132 -18.48 -10.42 -23.83
C PRO A 132 -18.87 -10.85 -22.42
N LEU A 133 -19.91 -10.22 -21.89
CA LEU A 133 -20.54 -10.74 -20.68
C LEU A 133 -21.88 -11.28 -21.14
N ALA A 134 -21.96 -12.61 -21.26
CA ALA A 134 -23.04 -13.23 -21.99
C ALA A 134 -24.20 -13.59 -21.08
N PRO A 135 -25.42 -13.26 -21.51
CA PRO A 135 -26.68 -13.54 -20.81
C PRO A 135 -27.14 -15.00 -20.91
N SER A 136 -27.88 -15.47 -19.90
CA SER A 136 -28.58 -16.75 -20.00
C SER A 136 -29.71 -16.79 -18.98
N THR A 144 -35.54 -8.67 -18.27
CA THR A 144 -34.96 -9.23 -17.05
C THR A 144 -33.71 -10.05 -17.32
N ALA A 145 -32.93 -9.63 -18.31
CA ALA A 145 -31.64 -10.27 -18.55
C ALA A 145 -30.55 -9.23 -18.58
N ALA A 146 -29.39 -9.58 -18.04
CA ALA A 146 -28.25 -8.67 -18.06
C ALA A 146 -27.15 -9.22 -18.99
N LEU A 147 -26.50 -8.33 -19.70
CA LEU A 147 -25.36 -8.70 -20.52
C LEU A 147 -24.41 -7.51 -20.50
N GLY A 148 -23.24 -7.65 -21.12
CA GLY A 148 -22.31 -6.54 -21.18
C GLY A 148 -21.00 -6.92 -21.84
N CYS A 149 -20.02 -6.03 -21.75
CA CYS A 149 -18.66 -6.38 -22.17
C CYS A 149 -17.66 -6.02 -21.08
N LEU A 150 -16.69 -6.90 -20.90
CA LEU A 150 -15.54 -6.62 -20.04
C LEU A 150 -14.40 -6.01 -20.84
N VAL A 151 -14.01 -4.80 -20.43
CA VAL A 151 -12.94 -4.08 -21.10
C VAL A 151 -11.68 -4.18 -20.25
N LYS A 152 -10.72 -5.01 -20.69
CA LYS A 152 -9.62 -5.40 -19.82
C LYS A 152 -8.28 -4.87 -20.29
N ASP A 153 -7.43 -4.52 -19.33
CA ASP A 153 -6.02 -4.30 -19.58
C ASP A 153 -5.72 -3.18 -20.57
N TYR A 154 -6.06 -1.95 -20.18
CA TYR A 154 -5.75 -0.80 -21.01
C TYR A 154 -5.09 0.30 -20.20
N PHE A 155 -4.26 1.09 -20.86
CA PHE A 155 -3.63 2.22 -20.21
C PHE A 155 -3.38 3.31 -21.25
N PRO A 156 -3.54 4.59 -20.85
CA PRO A 156 -4.18 5.07 -19.62
C PRO A 156 -5.67 5.28 -19.81
N GLU A 157 -6.35 5.73 -18.76
CA GLU A 157 -7.75 6.14 -18.87
C GLU A 157 -7.86 7.36 -19.77
N PRO A 158 -9.06 7.62 -20.34
CA PRO A 158 -10.30 6.86 -20.28
C PRO A 158 -10.52 5.90 -21.45
N VAL A 159 -11.60 5.13 -21.36
CA VAL A 159 -12.26 4.56 -22.54
C VAL A 159 -13.73 4.99 -22.50
N THR A 160 -14.36 5.07 -23.66
CA THR A 160 -15.80 5.27 -23.70
C THR A 160 -16.51 4.04 -24.27
N VAL A 161 -17.68 3.73 -23.71
CA VAL A 161 -18.47 2.59 -24.18
C VAL A 161 -19.88 3.04 -24.54
N SER A 162 -20.34 2.64 -25.72
CA SER A 162 -21.73 2.84 -26.10
C SER A 162 -22.30 1.48 -26.44
N TRP A 163 -23.59 1.45 -26.76
CA TRP A 163 -24.26 0.19 -27.11
C TRP A 163 -25.10 0.40 -28.36
N ASN A 164 -24.88 -0.45 -29.35
CA ASN A 164 -25.49 -0.30 -30.66
C ASN A 164 -25.33 1.11 -31.22
N SER A 165 -24.11 1.63 -31.09
CA SER A 165 -23.73 2.94 -31.64
C SER A 165 -24.54 4.11 -31.10
N GLY A 166 -25.10 3.97 -29.90
CA GLY A 166 -25.79 5.06 -29.25
C GLY A 166 -27.29 4.89 -29.21
N ALA A 167 -27.80 3.91 -29.95
CA ALA A 167 -29.23 3.64 -30.01
C ALA A 167 -29.73 3.02 -28.72
N LEU A 168 -28.85 2.30 -28.03
CA LEU A 168 -29.20 1.71 -26.74
C LEU A 168 -28.59 2.49 -25.59
N THR A 169 -29.46 3.16 -24.83
CA THR A 169 -29.06 4.02 -23.72
C THR A 169 -29.72 3.57 -22.42
N SER A 170 -31.05 3.46 -22.44
CA SER A 170 -31.82 3.02 -21.27
C SER A 170 -31.27 1.72 -20.68
N GLY A 171 -31.06 1.71 -19.37
CA GLY A 171 -30.62 0.50 -18.68
C GLY A 171 -29.11 0.31 -18.70
N VAL A 172 -28.40 1.22 -19.35
CA VAL A 172 -26.95 1.07 -19.49
C VAL A 172 -26.21 1.56 -18.25
N HIS A 173 -25.29 0.73 -17.77
CA HIS A 173 -24.40 1.10 -16.67
C HIS A 173 -22.96 0.82 -17.05
N THR A 174 -22.16 1.88 -17.14
CA THR A 174 -20.73 1.74 -17.37
C THR A 174 -19.97 2.14 -16.11
N PHE A 175 -19.24 1.19 -15.57
CA PHE A 175 -18.62 1.31 -14.26
C PHE A 175 -17.27 2.04 -14.24
N PRO A 176 -16.94 2.65 -13.10
CA PRO A 176 -15.60 3.21 -12.87
C PRO A 176 -14.55 2.15 -13.05
N ALA A 177 -13.46 2.45 -13.75
CA ALA A 177 -12.39 1.48 -13.95
C ALA A 177 -11.70 1.17 -12.63
N VAL A 178 -11.10 -0.01 -12.54
CA VAL A 178 -10.27 -0.36 -11.40
C VAL A 178 -8.84 -0.59 -11.86
N LEU A 179 -7.90 -0.34 -10.96
CA LEU A 179 -6.49 -0.46 -11.30
C LEU A 179 -5.89 -1.79 -10.85
N GLN A 180 -5.55 -2.63 -11.83
CA GLN A 180 -4.93 -3.92 -11.55
C GLN A 180 -3.48 -3.73 -11.15
N SER A 181 -2.93 -4.76 -10.52
CA SER A 181 -1.55 -4.73 -10.05
C SER A 181 -0.57 -4.52 -11.21
N SER A 182 -1.00 -4.85 -12.43
CA SER A 182 -0.16 -4.70 -13.60
C SER A 182 0.08 -3.25 -14.00
N GLY A 183 -0.73 -2.34 -13.46
CA GLY A 183 -0.65 -0.95 -13.87
C GLY A 183 -1.71 -0.68 -14.91
N LEU A 184 -2.47 -1.72 -15.24
CA LEU A 184 -3.46 -1.60 -16.31
C LEU A 184 -4.87 -1.49 -15.73
N TYR A 185 -5.69 -0.65 -16.36
CA TYR A 185 -7.07 -0.49 -15.95
C TYR A 185 -8.02 -1.53 -16.53
N SER A 186 -9.13 -1.74 -15.84
CA SER A 186 -10.20 -2.61 -16.32
C SER A 186 -11.56 -2.06 -15.93
N LEU A 187 -12.48 -1.99 -16.88
CA LEU A 187 -13.86 -1.67 -16.56
C LEU A 187 -14.83 -2.60 -17.27
N SER A 188 -16.07 -2.62 -16.79
CA SER A 188 -17.14 -3.31 -17.48
C SER A 188 -18.26 -2.33 -17.76
N SER A 189 -19.07 -2.66 -18.75
CA SER A 189 -20.29 -1.92 -19.07
C SER A 189 -21.40 -2.95 -19.25
N VAL A 190 -22.53 -2.75 -18.57
CA VAL A 190 -23.62 -3.69 -18.69
C VAL A 190 -24.88 -2.99 -19.17
N VAL A 191 -25.84 -3.79 -19.64
CA VAL A 191 -27.18 -3.30 -19.97
C VAL A 191 -28.19 -4.39 -19.63
N THR A 192 -29.33 -3.98 -19.08
CA THR A 192 -30.41 -4.91 -18.80
C THR A 192 -31.50 -4.74 -19.84
N VAL A 193 -31.87 -5.84 -20.49
CA VAL A 193 -32.91 -5.80 -21.52
C VAL A 193 -33.97 -6.85 -21.22
N PRO A 194 -35.16 -6.70 -21.83
CA PRO A 194 -36.14 -7.77 -21.71
C PRO A 194 -35.57 -9.10 -22.19
N SER A 195 -35.79 -10.17 -21.44
CA SER A 195 -35.26 -11.49 -21.81
C SER A 195 -35.88 -11.98 -23.11
N SER A 196 -37.03 -11.42 -23.48
CA SER A 196 -37.69 -11.78 -24.72
C SER A 196 -36.94 -11.23 -25.93
N SER A 197 -36.00 -10.33 -25.68
CA SER A 197 -35.22 -9.71 -26.74
C SER A 197 -33.98 -10.51 -27.16
N LEU A 198 -33.61 -11.52 -26.35
CA LEU A 198 -32.30 -12.16 -26.45
C LEU A 198 -31.95 -12.85 -27.75
N GLY A 199 -32.77 -13.77 -28.23
CA GLY A 199 -32.41 -14.44 -29.47
C GLY A 199 -32.67 -13.55 -30.68
N THR A 200 -33.47 -12.51 -30.45
CA THR A 200 -33.90 -11.58 -31.49
C THR A 200 -33.08 -10.29 -31.67
N GLN A 201 -33.08 -9.40 -30.68
CA GLN A 201 -32.33 -8.15 -30.82
C GLN A 201 -30.82 -8.39 -30.74
N THR A 202 -30.08 -7.72 -31.61
CA THR A 202 -28.62 -7.82 -31.61
C THR A 202 -28.03 -6.75 -30.70
N TYR A 203 -27.06 -7.14 -29.90
CA TYR A 203 -26.42 -6.24 -28.94
C TYR A 203 -24.92 -6.15 -29.14
N ILE A 204 -24.44 -4.93 -29.42
CA ILE A 204 -23.02 -4.68 -29.66
C ILE A 204 -22.51 -3.55 -28.76
N CYS A 205 -21.41 -3.78 -28.05
CA CYS A 205 -20.78 -2.70 -27.30
C CYS A 205 -19.66 -2.06 -28.11
N ASN A 206 -19.66 -0.73 -28.16
CA ASN A 206 -18.67 0.05 -28.91
C ASN A 206 -17.64 0.70 -27.98
N VAL A 207 -16.40 0.23 -28.04
CA VAL A 207 -15.36 0.66 -27.11
C VAL A 207 -14.33 1.58 -27.78
N ASN A 208 -14.08 2.75 -27.21
CA ASN A 208 -13.10 3.68 -27.77
C ASN A 208 -11.99 4.03 -26.78
N HIS A 209 -10.74 3.78 -27.17
CA HIS A 209 -9.58 4.23 -26.40
C HIS A 209 -8.72 5.12 -27.30
N LYS A 210 -8.75 6.44 -27.07
CA LYS A 210 -8.00 7.39 -27.91
C LYS A 210 -6.48 7.28 -27.81
N PRO A 211 -5.93 7.11 -26.59
CA PRO A 211 -4.47 6.96 -26.48
C PRO A 211 -3.88 5.90 -27.40
N SER A 212 -4.53 4.75 -27.51
CA SER A 212 -4.05 3.67 -28.36
C SER A 212 -4.68 3.68 -29.73
N ASN A 213 -5.61 4.62 -29.94
CA ASN A 213 -6.40 4.70 -31.17
C ASN A 213 -7.10 3.37 -31.43
N THR A 214 -7.67 2.77 -30.40
CA THR A 214 -8.43 1.55 -30.59
C THR A 214 -9.91 1.85 -30.58
N LYS A 215 -10.64 1.34 -31.57
CA LYS A 215 -12.08 1.30 -31.44
C LYS A 215 -12.57 -0.09 -31.81
N VAL A 216 -13.14 -0.77 -30.82
CA VAL A 216 -13.63 -2.15 -31.00
C VAL A 216 -15.14 -2.22 -30.83
N ASP A 217 -15.80 -2.91 -31.76
CA ASP A 217 -17.22 -3.22 -31.61
C ASP A 217 -17.40 -4.72 -31.44
N LYS A 218 -17.93 -5.12 -30.29
CA LYS A 218 -18.07 -6.52 -29.92
C LYS A 218 -19.54 -6.91 -29.74
N LYS A 219 -20.00 -7.90 -30.50
CA LYS A 219 -21.40 -8.33 -30.44
C LYS A 219 -21.61 -9.36 -29.34
N VAL A 220 -22.50 -9.05 -28.40
CA VAL A 220 -22.68 -9.89 -27.21
C VAL A 220 -23.94 -10.75 -27.28
N GLU A 221 -23.72 -12.06 -27.40
CA GLU A 221 -24.82 -13.03 -27.56
C GLU A 221 -24.77 -14.15 -26.48
N PRO A 222 -25.93 -14.79 -26.21
CA PRO A 222 -26.01 -15.86 -25.20
C PRO A 222 -25.10 -17.03 -25.50
N ASP B 1 -1.15 22.06 11.43
CA ASP B 1 -2.35 22.12 10.61
C ASP B 1 -3.61 22.31 11.46
N ILE B 2 -4.48 23.22 11.05
CA ILE B 2 -5.79 23.31 11.67
C ILE B 2 -6.64 22.22 11.05
N LYS B 3 -7.29 21.40 11.88
CA LYS B 3 -8.07 20.31 11.32
C LYS B 3 -9.55 20.67 11.29
N LEU B 4 -10.16 20.35 10.15
CA LEU B 4 -11.56 20.58 9.95
C LEU B 4 -12.30 19.26 9.94
N THR B 5 -13.23 19.09 10.87
CA THR B 5 -13.93 17.82 10.98
C THR B 5 -15.36 17.94 10.47
N GLN B 6 -15.68 17.26 9.38
CA GLN B 6 -17.02 17.32 8.83
C GLN B 6 -17.87 16.12 9.26
N SER B 7 -19.12 16.40 9.62
CA SER B 7 -20.09 15.36 9.97
C SER B 7 -21.46 15.71 9.42
N PRO B 8 -22.25 14.70 9.02
CA PRO B 8 -21.84 13.29 8.90
C PRO B 8 -21.02 13.09 7.63
N ALA B 9 -20.31 11.97 7.53
CA ALA B 9 -19.57 11.66 6.31
C ALA B 9 -20.50 11.44 5.12
N PHE B 10 -21.62 10.79 5.37
CA PHE B 10 -22.62 10.56 4.32
C PHE B 10 -24.00 11.05 4.78
N LEU B 11 -24.78 11.62 3.86
CA LEU B 11 -26.12 12.12 4.22
C LEU B 11 -27.14 11.87 3.11
N SER B 12 -28.23 11.18 3.47
CA SER B 12 -29.30 10.87 2.51
C SER B 12 -30.65 11.46 2.94
N ALA B 13 -31.35 12.09 2.01
CA ALA B 13 -32.68 12.63 2.30
C ALA B 13 -33.53 12.78 1.04
N SER B 14 -34.85 12.84 1.24
CA SER B 14 -35.79 12.95 0.13
C SER B 14 -35.79 14.35 -0.44
N VAL B 15 -36.24 14.49 -1.69
CA VAL B 15 -36.41 15.79 -2.30
C VAL B 15 -37.36 16.64 -1.46
N GLY B 16 -36.95 17.88 -1.19
CA GLY B 16 -37.76 18.79 -0.41
C GLY B 16 -37.58 18.69 1.09
N GLU B 17 -36.69 17.80 1.52
CA GLU B 17 -36.40 17.69 2.94
C GLU B 17 -35.27 18.63 3.36
N ARG B 18 -35.40 19.14 4.58
CA ARG B 18 -34.43 20.05 5.16
C ARG B 18 -33.22 19.32 5.71
N VAL B 19 -32.02 19.75 5.33
CA VAL B 19 -30.80 19.07 5.76
C VAL B 19 -29.75 20.05 6.28
N THR B 20 -28.89 19.54 7.16
CA THR B 20 -27.81 20.31 7.74
C THR B 20 -26.60 19.39 7.96
N PHE B 21 -25.41 19.86 7.62
CA PHE B 21 -24.18 19.12 7.93
C PHE B 21 -23.16 20.06 8.57
N THR B 22 -22.12 19.53 9.18
CA THR B 22 -21.30 20.38 10.05
C THR B 22 -19.81 20.35 9.70
N CYS B 23 -19.15 21.48 9.90
CA CYS B 23 -17.70 21.57 9.80
C CYS B 23 -17.19 22.18 11.09
N ARG B 24 -16.24 21.51 11.74
CA ARG B 24 -15.72 21.99 13.01
C ARG B 24 -14.22 22.18 12.95
N ALA B 25 -13.78 23.40 13.27
CA ALA B 25 -12.37 23.75 13.25
C ALA B 25 -11.71 23.43 14.58
N SER B 26 -10.49 22.90 14.52
CA SER B 26 -9.76 22.50 15.71
C SER B 26 -9.39 23.70 16.59
N GLN B 27 -9.41 24.89 16.00
CA GLN B 27 -9.17 26.13 16.74
C GLN B 27 -9.88 27.30 16.07
N ASP B 28 -9.99 28.41 16.72
CA ASP B 28 -10.66 29.54 16.17
C ASP B 28 -10.07 29.97 14.82
N ILE B 29 -10.90 30.06 13.83
CA ILE B 29 -10.51 30.49 12.48
C ILE B 29 -11.27 31.76 12.05
N ARG B 30 -11.85 32.44 13.02
CA ARG B 30 -12.61 33.62 12.80
C ARG B 30 -13.76 33.31 11.79
N HIS B 31 -13.97 34.17 10.83
CA HIS B 31 -15.00 33.96 9.83
C HIS B 31 -14.41 33.40 8.51
N GLU B 32 -13.18 32.92 8.55
CA GLU B 32 -12.41 32.57 7.34
C GLU B 32 -12.55 31.16 6.91
N LEU B 33 -13.75 30.85 6.45
CA LEU B 33 -14.10 29.47 6.18
C LEU B 33 -14.93 29.50 4.93
N VAL B 34 -14.80 28.50 4.09
CA VAL B 34 -15.50 28.53 2.82
C VAL B 34 -16.06 27.13 2.52
N TRP B 35 -17.14 27.06 1.75
CA TRP B 35 -17.67 25.77 1.32
C TRP B 35 -17.57 25.60 -0.20
N TYR B 36 -17.22 24.40 -0.63
CA TYR B 36 -17.32 24.03 -2.04
C TYR B 36 -18.25 22.84 -2.26
N GLN B 37 -19.06 22.92 -3.30
CA GLN B 37 -19.88 21.81 -3.77
C GLN B 37 -19.19 21.12 -4.95
N GLN B 38 -18.99 19.80 -4.86
CA GLN B 38 -18.51 19.05 -6.01
C GLN B 38 -19.53 18.04 -6.50
N LYS B 39 -20.17 18.34 -7.62
CA LYS B 39 -21.12 17.43 -8.23
C LYS B 39 -20.38 16.22 -8.77
N PRO B 40 -21.06 15.07 -8.87
CA PRO B 40 -20.36 13.87 -9.37
C PRO B 40 -19.77 14.08 -10.77
N GLY B 41 -18.52 13.71 -10.94
CA GLY B 41 -17.85 13.80 -12.23
C GLY B 41 -17.42 15.19 -12.60
N ARG B 42 -17.58 16.16 -11.70
CA ARG B 42 -17.21 17.53 -12.03
C ARG B 42 -16.24 18.13 -10.99
N GLY B 43 -15.77 19.34 -11.25
CA GLY B 43 -14.91 20.06 -10.34
C GLY B 43 -15.65 20.79 -9.23
N PRO B 44 -14.97 21.10 -8.13
CA PRO B 44 -15.54 21.90 -7.03
C PRO B 44 -16.01 23.28 -7.51
N LYS B 45 -16.98 23.84 -6.78
CA LYS B 45 -17.59 25.13 -7.12
C LYS B 45 -17.84 25.92 -5.84
N LEU B 46 -17.55 27.22 -5.87
CA LEU B 46 -17.65 28.03 -4.65
C LEU B 46 -19.11 28.21 -4.21
N LEU B 47 -19.40 27.89 -2.95
CA LEU B 47 -20.77 27.94 -2.42
C LEU B 47 -21.02 29.09 -1.45
N ILE B 48 -20.28 29.06 -0.34
CA ILE B 48 -20.41 30.02 0.76
C ILE B 48 -19.03 30.47 1.24
N TYR B 49 -18.85 31.78 1.44
CA TYR B 49 -17.61 32.30 2.01
C TYR B 49 -17.89 33.26 3.17
N TYR B 50 -16.88 33.54 3.98
CA TYR B 50 -17.00 34.30 5.22
C TYR B 50 -17.94 33.57 6.18
N GLY B 51 -18.13 32.29 5.91
CA GLY B 51 -18.91 31.36 6.72
C GLY B 51 -20.41 31.46 6.51
N SER B 52 -20.90 32.68 6.29
CA SER B 52 -22.33 32.90 6.06
C SER B 52 -22.75 33.46 4.69
N THR B 53 -21.79 33.82 3.84
CA THR B 53 -22.16 34.58 2.65
C THR B 53 -22.32 33.71 1.40
N LEU B 54 -23.50 33.76 0.80
CA LEU B 54 -23.79 33.01 -0.42
C LEU B 54 -23.06 33.59 -1.63
N GLU B 55 -22.41 32.74 -2.42
CA GLU B 55 -21.84 33.17 -3.69
C GLU B 55 -22.94 33.48 -4.70
N GLY B 56 -22.65 34.36 -5.65
CA GLY B 56 -23.61 34.68 -6.69
C GLY B 56 -23.96 33.43 -7.48
N GLY B 57 -25.21 33.36 -7.90
CA GLY B 57 -25.69 32.20 -8.63
C GLY B 57 -26.25 31.12 -7.72
N VAL B 58 -25.86 31.15 -6.45
CA VAL B 58 -26.29 30.13 -5.51
C VAL B 58 -27.68 30.42 -4.98
N PRO B 59 -28.58 29.43 -5.12
CA PRO B 59 -29.99 29.49 -4.70
C PRO B 59 -30.19 29.84 -3.24
N SER B 60 -31.32 30.49 -2.95
CA SER B 60 -31.67 30.95 -1.61
C SER B 60 -31.86 29.79 -0.62
N ARG B 61 -32.06 28.61 -1.19
CA ARG B 61 -32.25 27.40 -0.41
C ARG B 61 -31.04 27.11 0.47
N PHE B 62 -29.88 27.57 0.02
CA PHE B 62 -28.64 27.41 0.77
C PHE B 62 -28.46 28.54 1.79
N SER B 63 -27.93 28.20 2.95
CA SER B 63 -27.54 29.19 3.94
C SER B 63 -26.40 28.58 4.74
N GLY B 64 -25.73 29.41 5.54
CA GLY B 64 -24.69 28.90 6.41
C GLY B 64 -24.71 29.67 7.70
N ARG B 65 -24.18 29.05 8.75
CA ARG B 65 -24.26 29.61 10.09
C ARG B 65 -22.97 29.34 10.81
N ARG B 66 -22.45 30.33 11.52
CA ARG B 66 -21.30 30.14 12.35
C ARG B 66 -21.64 30.22 13.81
N SER B 67 -21.28 29.19 14.55
CA SER B 67 -21.33 29.31 16.00
C SER B 67 -19.95 28.91 16.54
N GLY B 68 -19.21 29.91 17.00
CA GLY B 68 -17.83 29.70 17.40
C GLY B 68 -16.97 29.11 16.30
N THR B 69 -16.38 27.97 16.60
CA THR B 69 -15.59 27.23 15.64
C THR B 69 -16.43 26.24 14.85
N GLU B 70 -17.73 26.22 15.12
CA GLU B 70 -18.63 25.30 14.41
C GLU B 70 -19.40 25.97 13.27
N PHE B 71 -19.23 25.48 12.06
CA PHE B 71 -19.87 25.96 10.85
C PHE B 71 -20.81 24.92 10.23
N THR B 72 -22.02 25.36 9.85
CA THR B 72 -23.05 24.48 9.33
C THR B 72 -23.66 25.09 8.07
N VAL B 73 -24.10 24.21 7.16
CA VAL B 73 -24.84 24.62 5.98
C VAL B 73 -26.25 24.07 6.06
N THR B 74 -27.24 24.86 5.65
CA THR B 74 -28.59 24.33 5.65
C THR B 74 -29.22 24.47 4.28
N ILE B 75 -29.70 23.34 3.76
CA ILE B 75 -30.45 23.33 2.52
C ILE B 75 -31.91 23.18 2.90
N SER B 76 -32.70 24.23 2.67
CA SER B 76 -34.07 24.24 3.15
C SER B 76 -34.91 23.13 2.54
N SER B 77 -34.75 22.93 1.23
CA SER B 77 -35.37 21.82 0.54
C SER B 77 -34.40 21.19 -0.44
N LEU B 78 -34.07 19.91 -0.21
CA LEU B 78 -33.03 19.25 -1.01
C LEU B 78 -33.55 18.93 -2.42
N GLN B 79 -32.74 19.24 -3.44
CA GLN B 79 -33.06 18.86 -4.82
C GLN B 79 -31.93 18.01 -5.39
N PRO B 80 -32.23 17.22 -6.44
CA PRO B 80 -31.26 16.32 -7.07
C PRO B 80 -30.00 17.03 -7.54
N GLU B 81 -30.09 18.29 -7.94
CA GLU B 81 -28.91 19.02 -8.38
C GLU B 81 -27.99 19.40 -7.20
N ASP B 82 -28.47 19.20 -5.98
CA ASP B 82 -27.64 19.45 -4.80
C ASP B 82 -26.73 18.27 -4.48
N VAL B 83 -26.91 17.17 -5.23
CA VAL B 83 -26.21 15.93 -4.93
C VAL B 83 -24.72 16.05 -5.22
N GLY B 84 -23.88 15.50 -4.34
CA GLY B 84 -22.45 15.52 -4.52
C GLY B 84 -21.73 15.55 -3.19
N THR B 85 -20.50 16.03 -3.17
CA THR B 85 -19.74 16.10 -1.92
C THR B 85 -19.42 17.55 -1.57
N TYR B 86 -19.63 17.89 -0.31
CA TYR B 86 -19.40 19.25 0.17
C TYR B 86 -18.15 19.28 1.03
N TYR B 87 -17.26 20.22 0.70
CA TYR B 87 -16.00 20.40 1.39
C TYR B 87 -15.96 21.78 2.03
N CYS B 88 -15.44 21.84 3.24
CA CYS B 88 -15.20 23.12 3.88
C CYS B 88 -13.69 23.34 3.85
N GLN B 89 -13.28 24.60 3.82
CA GLN B 89 -11.87 24.97 3.82
C GLN B 89 -11.62 26.17 4.71
N GLN B 90 -10.56 26.11 5.51
CA GLN B 90 -10.23 27.24 6.37
C GLN B 90 -9.16 28.08 5.68
N LEU B 91 -9.36 29.36 5.69
CA LEU B 91 -8.46 30.27 5.06
C LEU B 91 -7.65 31.08 6.07
N ASN B 92 -7.73 30.72 7.35
CA ASN B 92 -7.14 31.41 8.43
C ASN B 92 -5.64 31.41 8.59
N SER B 93 -5.04 30.27 8.45
CA SER B 93 -3.61 30.15 8.61
C SER B 93 -3.05 29.04 7.72
N PHE B 94 -1.81 29.10 7.29
CA PHE B 94 -1.15 28.11 6.46
C PHE B 94 -0.89 26.81 7.24
N PRO B 95 -1.02 25.64 6.57
CA PRO B 95 -1.59 25.48 5.22
C PRO B 95 -3.10 25.64 5.27
N LEU B 96 -3.74 25.93 4.15
CA LEU B 96 -5.18 26.12 4.21
C LEU B 96 -5.80 24.75 4.00
N THR B 97 -6.29 24.18 5.09
CA THR B 97 -6.74 22.81 5.11
C THR B 97 -8.17 22.65 4.63
N PHE B 98 -8.48 21.46 4.13
CA PHE B 98 -9.82 21.07 3.71
C PHE B 98 -10.41 20.10 4.74
N GLY B 99 -11.73 20.14 4.89
CA GLY B 99 -12.45 19.12 5.64
C GLY B 99 -12.47 17.86 4.78
N GLY B 100 -12.87 16.74 5.38
CA GLY B 100 -12.88 15.48 4.66
C GLY B 100 -14.08 15.30 3.74
N GLY B 101 -14.98 16.26 3.76
CA GLY B 101 -16.15 16.20 2.89
C GLY B 101 -17.37 15.51 3.46
N THR B 102 -18.54 15.94 3.02
CA THR B 102 -19.79 15.25 3.33
C THR B 102 -20.49 14.95 2.01
N THR B 103 -20.82 13.67 1.79
CA THR B 103 -21.41 13.26 0.52
C THR B 103 -22.91 13.14 0.64
N VAL B 104 -23.61 13.93 -0.17
CA VAL B 104 -25.08 13.99 -0.14
C VAL B 104 -25.70 13.20 -1.29
N ASP B 105 -26.64 12.32 -0.98
CA ASP B 105 -27.42 11.68 -2.03
C ASP B 105 -28.93 11.69 -1.77
N ILE B 106 -29.72 11.35 -2.78
CA ILE B 106 -31.17 11.35 -2.65
C ILE B 106 -31.68 10.04 -2.09
N ARG B 107 -32.44 10.10 -0.99
CA ARG B 107 -33.03 8.88 -0.45
C ARG B 107 -34.31 8.49 -1.17
N ARG B 108 -34.44 7.19 -1.44
CA ARG B 108 -35.59 6.57 -2.07
C ARG B 108 -35.93 5.30 -1.31
N THR B 109 -37.01 4.63 -1.71
CA THR B 109 -37.39 3.36 -1.11
C THR B 109 -36.25 2.37 -1.23
N VAL B 110 -36.09 1.54 -0.20
CA VAL B 110 -35.03 0.54 -0.20
C VAL B 110 -35.26 -0.44 -1.35
N ALA B 111 -34.20 -0.75 -2.08
CA ALA B 111 -34.31 -1.66 -3.21
C ALA B 111 -33.17 -2.65 -3.17
N ALA B 112 -33.51 -3.93 -3.20
CA ALA B 112 -32.52 -4.98 -3.20
C ALA B 112 -31.89 -5.07 -4.58
N PRO B 113 -30.59 -5.39 -4.64
CA PRO B 113 -29.99 -5.49 -5.97
C PRO B 113 -30.47 -6.71 -6.76
N SER B 114 -30.58 -6.59 -8.08
CA SER B 114 -30.76 -7.74 -8.94
C SER B 114 -29.36 -8.27 -9.25
N VAL B 115 -29.11 -9.54 -8.93
CA VAL B 115 -27.77 -10.10 -9.06
C VAL B 115 -27.63 -11.01 -10.30
N PHE B 116 -26.50 -10.86 -10.99
CA PHE B 116 -26.21 -11.65 -12.20
C PHE B 116 -24.76 -12.14 -12.16
N ILE B 117 -24.52 -13.37 -12.63
CA ILE B 117 -23.13 -13.85 -12.66
C ILE B 117 -22.70 -14.28 -14.06
N PHE B 118 -21.51 -13.82 -14.45
CA PHE B 118 -20.98 -14.05 -15.78
C PHE B 118 -19.69 -14.85 -15.74
N PRO B 119 -19.69 -16.06 -16.32
CA PRO B 119 -18.45 -16.83 -16.41
C PRO B 119 -17.54 -16.17 -17.43
N PRO B 120 -16.24 -16.46 -17.40
CA PRO B 120 -15.35 -15.85 -18.38
C PRO B 120 -15.66 -16.31 -19.80
N SER B 121 -15.36 -15.46 -20.77
CA SER B 121 -15.57 -15.81 -22.17
C SER B 121 -14.57 -16.90 -22.55
N ASP B 122 -14.93 -17.75 -23.52
CA ASP B 122 -13.97 -18.70 -24.04
C ASP B 122 -12.80 -17.93 -24.65
N GLU B 123 -13.08 -16.73 -25.15
CA GLU B 123 -12.05 -15.88 -25.75
C GLU B 123 -10.95 -15.47 -24.78
N GLN B 124 -11.33 -15.02 -23.59
CA GLN B 124 -10.35 -14.64 -22.58
C GLN B 124 -9.52 -15.84 -22.14
N LEU B 125 -10.15 -17.01 -22.08
CA LEU B 125 -9.48 -18.21 -21.60
C LEU B 125 -8.34 -18.63 -22.53
N LYS B 126 -8.55 -18.51 -23.84
CA LYS B 126 -7.48 -18.74 -24.82
C LYS B 126 -6.23 -17.96 -24.44
N SER B 127 -6.43 -16.70 -24.09
CA SER B 127 -5.36 -15.80 -23.71
C SER B 127 -4.67 -16.27 -22.43
N GLY B 128 -5.35 -17.10 -21.64
CA GLY B 128 -4.75 -17.67 -20.45
C GLY B 128 -5.22 -17.11 -19.13
N THR B 129 -6.28 -16.31 -19.15
CA THR B 129 -6.81 -15.75 -17.91
C THR B 129 -8.33 -15.89 -17.84
N ALA B 130 -8.86 -15.85 -16.62
CA ALA B 130 -10.29 -15.98 -16.42
C ALA B 130 -10.82 -14.84 -15.54
N SER B 131 -11.74 -14.05 -16.07
CA SER B 131 -12.40 -13.06 -15.25
C SER B 131 -13.87 -13.45 -15.06
N VAL B 132 -14.28 -13.50 -13.80
CA VAL B 132 -15.63 -13.83 -13.44
C VAL B 132 -16.20 -12.57 -12.79
N VAL B 133 -17.36 -12.16 -13.30
CA VAL B 133 -17.93 -10.86 -12.96
C VAL B 133 -19.15 -11.06 -12.08
N CYS B 134 -19.33 -10.25 -11.05
CA CYS B 134 -20.59 -10.27 -10.31
C CYS B 134 -21.29 -8.93 -10.45
N LEU B 135 -22.47 -8.92 -11.08
CA LEU B 135 -23.25 -7.70 -11.20
C LEU B 135 -24.35 -7.60 -10.15
N LEU B 136 -24.37 -6.47 -9.45
CA LEU B 136 -25.44 -6.12 -8.52
C LEU B 136 -26.12 -4.88 -9.06
N ASN B 137 -27.36 -5.02 -9.54
CA ASN B 137 -28.00 -3.92 -10.23
C ASN B 137 -29.15 -3.20 -9.51
N ASN B 138 -29.12 -1.88 -9.61
CA ASN B 138 -30.20 -0.99 -9.22
C ASN B 138 -30.73 -1.23 -7.81
N PHE B 139 -29.85 -1.02 -6.83
CA PHE B 139 -30.19 -1.13 -5.41
C PHE B 139 -30.03 0.25 -4.78
N TYR B 140 -30.95 0.69 -3.93
CA TYR B 140 -30.74 2.05 -3.46
C TYR B 140 -29.70 2.19 -2.36
N PRO B 141 -29.89 1.50 -1.22
CA PRO B 141 -28.88 1.92 -0.25
C PRO B 141 -27.51 1.57 -0.76
N ARG B 142 -26.68 2.61 -0.81
CA ARG B 142 -25.37 2.58 -1.44
C ARG B 142 -24.50 1.43 -0.91
N GLU B 143 -24.53 1.23 0.40
CA GLU B 143 -23.81 0.15 1.05
C GLU B 143 -24.22 -1.22 0.53
N ALA B 144 -23.25 -2.00 0.05
CA ALA B 144 -23.50 -3.38 -0.38
C ALA B 144 -22.22 -4.24 -0.29
N LYS B 145 -22.38 -5.55 -0.12
CA LYS B 145 -21.23 -6.45 0.00
C LYS B 145 -21.28 -7.70 -0.87
N VAL B 146 -20.14 -8.02 -1.48
CA VAL B 146 -19.97 -9.24 -2.27
C VAL B 146 -18.95 -10.18 -1.62
N GLN B 147 -19.28 -11.48 -1.55
CA GLN B 147 -18.28 -12.47 -1.18
C GLN B 147 -18.12 -13.50 -2.30
N TRP B 148 -16.89 -13.74 -2.71
CA TRP B 148 -16.61 -14.74 -3.75
C TRP B 148 -16.30 -16.08 -3.11
N LYS B 149 -16.95 -17.14 -3.58
CA LYS B 149 -16.69 -18.48 -3.11
C LYS B 149 -16.38 -19.43 -4.25
N VAL B 150 -15.31 -20.18 -4.10
CA VAL B 150 -14.85 -21.12 -5.10
C VAL B 150 -14.82 -22.52 -4.50
N ASP B 151 -15.71 -23.38 -5.01
CA ASP B 151 -16.03 -24.63 -4.36
C ASP B 151 -16.24 -24.38 -2.87
N ASN B 152 -17.07 -23.37 -2.59
CA ASN B 152 -17.49 -22.99 -1.24
C ASN B 152 -16.34 -22.50 -0.34
N ALA B 153 -15.27 -22.04 -0.97
CA ALA B 153 -14.16 -21.43 -0.24
C ALA B 153 -14.10 -19.93 -0.48
N LEU B 154 -14.12 -19.16 0.60
CA LEU B 154 -14.14 -17.70 0.50
C LEU B 154 -12.83 -17.14 -0.06
N GLN B 155 -12.93 -16.32 -1.11
CA GLN B 155 -11.77 -15.72 -1.75
C GLN B 155 -11.43 -14.36 -1.16
N SER B 156 -10.14 -14.05 -1.07
CA SER B 156 -9.67 -12.76 -0.57
C SER B 156 -8.48 -12.24 -1.35
N GLY B 157 -8.52 -10.95 -1.70
CA GLY B 157 -7.40 -10.27 -2.33
C GLY B 157 -7.28 -10.52 -3.83
N ASN B 158 -8.04 -11.47 -4.33
CA ASN B 158 -8.03 -11.79 -5.75
C ASN B 158 -9.18 -11.15 -6.52
N SER B 159 -9.93 -10.26 -5.88
CA SER B 159 -11.00 -9.56 -6.56
C SER B 159 -10.95 -8.03 -6.46
N GLN B 160 -11.74 -7.36 -7.31
CA GLN B 160 -11.86 -5.90 -7.33
C GLN B 160 -13.28 -5.49 -7.74
N GLU B 161 -13.73 -4.34 -7.23
CA GLU B 161 -15.08 -3.87 -7.47
C GLU B 161 -15.15 -2.36 -7.63
N SER B 162 -16.22 -1.89 -8.25
CA SER B 162 -16.48 -0.47 -8.41
C SER B 162 -17.99 -0.22 -8.45
N VAL B 163 -18.43 0.94 -7.99
CA VAL B 163 -19.86 1.22 -7.99
C VAL B 163 -20.14 2.53 -8.70
N THR B 164 -21.30 2.60 -9.36
CA THR B 164 -21.69 3.81 -10.07
C THR B 164 -22.08 4.96 -9.15
N GLU B 165 -22.15 6.16 -9.71
CA GLU B 165 -22.78 7.28 -9.03
C GLU B 165 -24.27 7.04 -9.09
N GLN B 166 -25.02 7.74 -8.24
CA GLN B 166 -26.46 7.55 -8.17
C GLN B 166 -27.11 7.84 -9.50
N ASP B 167 -27.92 6.90 -9.97
CA ASP B 167 -28.63 7.09 -11.21
C ASP B 167 -29.72 8.16 -11.06
N SER B 168 -29.69 9.15 -11.95
CA SER B 168 -30.64 10.25 -11.89
C SER B 168 -32.07 9.74 -12.09
N LYS B 169 -32.23 8.76 -12.97
CA LYS B 169 -33.57 8.29 -13.32
C LYS B 169 -34.27 7.60 -12.14
N ASP B 170 -33.66 6.54 -11.60
CA ASP B 170 -34.26 5.80 -10.49
C ASP B 170 -33.65 6.01 -9.09
N SER B 171 -32.62 6.85 -8.98
CA SER B 171 -31.93 7.12 -7.70
C SER B 171 -31.27 5.86 -7.10
N THR B 172 -30.95 4.88 -7.94
CA THR B 172 -30.29 3.67 -7.46
C THR B 172 -28.79 3.60 -7.75
N TYR B 173 -28.15 2.56 -7.24
CA TYR B 173 -26.75 2.30 -7.53
C TYR B 173 -26.59 0.96 -8.21
N SER B 174 -25.46 0.76 -8.88
CA SER B 174 -25.09 -0.58 -9.30
C SER B 174 -23.63 -0.81 -8.93
N LEU B 175 -23.23 -2.08 -8.90
CA LEU B 175 -21.89 -2.48 -8.51
C LEU B 175 -21.48 -3.64 -9.40
N SER B 176 -20.24 -3.64 -9.87
CA SER B 176 -19.70 -4.78 -10.59
C SER B 176 -18.45 -5.27 -9.87
N SER B 177 -18.38 -6.58 -9.68
CA SER B 177 -17.21 -7.17 -9.03
C SER B 177 -16.55 -8.17 -9.97
N THR B 178 -15.22 -8.19 -9.98
CA THR B 178 -14.49 -9.11 -10.85
C THR B 178 -13.55 -10.01 -10.05
N LEU B 179 -13.78 -11.31 -10.14
CA LEU B 179 -12.84 -12.29 -9.63
C LEU B 179 -11.93 -12.70 -10.77
N THR B 180 -10.62 -12.55 -10.57
CA THR B 180 -9.65 -12.80 -11.63
C THR B 180 -8.69 -13.91 -11.22
N LEU B 181 -8.71 -15.00 -11.97
CA LEU B 181 -7.82 -16.12 -11.74
C LEU B 181 -7.05 -16.44 -13.02
N SER B 182 -5.92 -17.13 -12.89
CA SER B 182 -5.24 -17.69 -14.05
C SER B 182 -6.09 -18.79 -14.64
N LYS B 183 -5.84 -19.14 -15.91
CA LYS B 183 -6.59 -20.20 -16.57
C LYS B 183 -6.36 -21.53 -15.86
N ALA B 184 -5.12 -21.78 -15.46
CA ALA B 184 -4.80 -23.01 -14.74
C ALA B 184 -5.61 -23.14 -13.44
N ASP B 185 -5.70 -22.05 -12.70
CA ASP B 185 -6.44 -22.04 -11.43
C ASP B 185 -7.94 -22.16 -11.64
N TYR B 186 -8.47 -21.45 -12.62
CA TYR B 186 -9.90 -21.48 -12.87
C TYR B 186 -10.40 -22.89 -13.15
N GLU B 187 -9.63 -23.62 -13.95
CA GLU B 187 -9.98 -24.98 -14.37
C GLU B 187 -9.82 -26.06 -13.30
N LYS B 188 -9.26 -25.70 -12.15
CA LYS B 188 -9.14 -26.68 -11.06
C LYS B 188 -10.37 -26.70 -10.16
N HIS B 189 -11.30 -25.80 -10.41
CA HIS B 189 -12.44 -25.64 -9.52
C HIS B 189 -13.74 -25.72 -10.31
N LYS B 190 -14.82 -26.11 -9.63
CA LYS B 190 -16.09 -26.34 -10.29
C LYS B 190 -17.07 -25.20 -10.07
N VAL B 191 -17.44 -24.99 -8.82
CA VAL B 191 -18.48 -24.02 -8.49
C VAL B 191 -17.90 -22.64 -8.26
N TYR B 192 -18.45 -21.66 -8.96
CA TYR B 192 -18.10 -20.26 -8.76
C TYR B 192 -19.33 -19.49 -8.36
N ALA B 193 -19.26 -18.79 -7.22
CA ALA B 193 -20.43 -18.13 -6.67
C ALA B 193 -20.08 -16.78 -6.09
N CYS B 194 -20.99 -15.82 -6.26
CA CYS B 194 -20.86 -14.54 -5.59
C CYS B 194 -22.02 -14.38 -4.62
N GLU B 195 -21.69 -14.07 -3.36
CA GLU B 195 -22.69 -13.97 -2.31
C GLU B 195 -22.92 -12.50 -1.96
N VAL B 196 -24.16 -12.06 -2.13
CA VAL B 196 -24.51 -10.65 -1.96
C VAL B 196 -25.30 -10.39 -0.68
N THR B 197 -24.84 -9.41 0.11
CA THR B 197 -25.58 -8.94 1.29
C THR B 197 -25.93 -7.48 1.12
N HIS B 198 -27.19 -7.15 1.36
CA HIS B 198 -27.67 -5.78 1.22
C HIS B 198 -28.86 -5.56 2.15
N GLN B 199 -29.08 -4.31 2.56
CA GLN B 199 -30.16 -3.96 3.47
C GLN B 199 -31.52 -4.44 2.94
N GLY B 200 -31.63 -4.48 1.61
CA GLY B 200 -32.87 -4.88 0.97
C GLY B 200 -33.03 -6.38 0.92
N LEU B 201 -32.06 -7.10 1.48
CA LEU B 201 -32.09 -8.55 1.52
C LEU B 201 -32.17 -9.05 2.96
N SER B 202 -33.24 -9.75 3.30
CA SER B 202 -33.42 -10.23 4.67
C SER B 202 -32.38 -11.33 4.92
N SER B 203 -31.96 -11.97 3.83
CA SER B 203 -30.91 -12.98 3.85
C SER B 203 -30.08 -12.87 2.57
N PRO B 204 -28.79 -13.19 2.65
CA PRO B 204 -27.88 -13.09 1.50
C PRO B 204 -28.30 -13.98 0.34
N VAL B 205 -28.25 -13.42 -0.87
CA VAL B 205 -28.52 -14.21 -2.07
C VAL B 205 -27.18 -14.70 -2.62
N THR B 206 -27.17 -15.91 -3.17
CA THR B 206 -25.97 -16.43 -3.81
C THR B 206 -26.25 -16.80 -5.27
N LYS B 207 -25.43 -16.27 -6.18
CA LYS B 207 -25.51 -16.65 -7.59
C LYS B 207 -24.28 -17.43 -7.97
N SER B 208 -24.47 -18.52 -8.70
CA SER B 208 -23.36 -19.41 -9.01
C SER B 208 -23.46 -20.08 -10.37
N PHE B 209 -22.40 -20.80 -10.72
CA PHE B 209 -22.38 -21.65 -11.90
C PHE B 209 -21.30 -22.71 -11.76
N ASN B 210 -21.41 -23.79 -12.51
CA ASN B 210 -20.31 -24.75 -12.63
C ASN B 210 -19.68 -24.58 -14.00
N ARG B 211 -18.36 -24.39 -14.06
CA ARG B 211 -17.70 -24.26 -15.34
C ARG B 211 -17.84 -25.60 -16.06
N GLY B 212 -18.18 -25.58 -17.34
CA GLY B 212 -18.30 -26.81 -18.09
C GLY B 212 -19.75 -27.19 -18.36
N ALA C 1 -6.90 36.58 7.25
CA ALA C 1 -6.13 35.48 7.77
C ALA C 1 -4.84 35.43 7.01
N VAL C 2 -4.90 35.13 5.72
CA VAL C 2 -3.67 35.07 4.97
C VAL C 2 -3.67 35.84 3.68
N GLY C 3 -2.51 36.33 3.32
CA GLY C 3 -2.33 37.06 2.11
C GLY C 3 -1.01 36.78 1.45
N ILE C 4 -0.91 37.04 0.16
CA ILE C 4 0.35 36.93 -0.50
C ILE C 4 0.79 38.26 -1.05
N GLY C 5 0.24 39.33 -0.51
CA GLY C 5 0.56 40.66 -0.93
C GLY C 5 -0.57 41.33 -1.66
N ALA C 6 -0.58 42.66 -1.66
CA ALA C 6 -1.66 43.41 -2.30
C ALA C 6 -1.71 43.36 -3.82
N VAL C 7 -2.90 43.23 -4.38
CA VAL C 7 -3.05 43.28 -5.81
C VAL C 7 -3.15 44.75 -6.09
N PHE C 8 -2.29 45.27 -6.96
CA PHE C 8 -2.22 46.67 -7.28
C PHE C 8 -2.08 47.39 -5.96
N SER D 1 -9.01 -20.36 5.56
CA SER D 1 -9.27 -21.55 4.75
C SER D 1 -8.79 -22.80 5.45
N GLN D 2 -7.75 -23.42 4.89
CA GLN D 2 -7.02 -24.46 5.59
C GLN D 2 -5.76 -23.77 6.10
N TYR D 3 -5.65 -23.63 7.42
CA TYR D 3 -4.50 -22.96 8.01
C TYR D 3 -3.83 -23.73 9.14
N LEU D 4 -2.58 -23.40 9.39
CA LEU D 4 -1.82 -23.97 10.49
C LEU D 4 -1.64 -22.91 11.56
N ALA D 5 -2.14 -23.19 12.75
CA ALA D 5 -2.03 -22.26 13.87
C ALA D 5 -0.92 -22.70 14.81
N GLN D 6 0.09 -21.86 14.99
CA GLN D 6 1.17 -22.26 15.86
C GLN D 6 1.08 -21.60 17.24
N SER D 7 1.94 -22.05 18.14
CA SER D 7 1.99 -21.51 19.49
C SER D 7 2.73 -20.17 19.49
N GLY D 8 2.50 -19.38 20.53
CA GLY D 8 3.10 -18.06 20.61
C GLY D 8 4.54 -18.04 21.05
N SER D 9 5.11 -16.83 21.08
CA SER D 9 6.53 -16.62 21.32
C SER D 9 7.01 -17.20 22.63
N GLU D 10 8.27 -17.63 22.63
CA GLU D 10 8.90 -18.20 23.80
C GLU D 10 10.17 -17.45 24.10
N VAL D 11 10.54 -17.40 25.38
CA VAL D 11 11.92 -17.05 25.75
C VAL D 11 12.42 -18.17 26.63
N LYS D 12 13.58 -18.73 26.28
CA LYS D 12 14.11 -19.88 26.98
C LYS D 12 15.57 -19.64 27.33
N LYS D 13 15.98 -20.11 28.50
CA LYS D 13 17.36 -19.98 28.92
C LYS D 13 18.18 -21.12 28.30
N PRO D 14 19.47 -20.88 28.07
CA PRO D 14 20.35 -21.89 27.49
C PRO D 14 20.32 -23.22 28.23
N GLY D 15 20.27 -24.33 27.50
CA GLY D 15 20.19 -25.65 28.11
C GLY D 15 18.77 -26.15 28.32
N ALA D 16 17.82 -25.23 28.33
CA ALA D 16 16.42 -25.60 28.51
C ALA D 16 15.87 -26.29 27.26
N SER D 17 14.61 -26.70 27.31
CA SER D 17 13.96 -27.26 26.14
C SER D 17 12.78 -26.40 25.74
N VAL D 18 12.41 -26.47 24.47
CA VAL D 18 11.23 -25.75 23.99
C VAL D 18 10.32 -26.76 23.29
N LYS D 19 9.02 -26.52 23.36
CA LYS D 19 8.06 -27.32 22.61
C LYS D 19 7.06 -26.43 21.91
N VAL D 20 7.10 -26.48 20.59
CA VAL D 20 6.26 -25.65 19.75
C VAL D 20 5.12 -26.52 19.27
N SER D 21 3.93 -25.94 19.13
CA SER D 21 2.79 -26.74 18.75
C SER D 21 2.15 -26.14 17.51
N CYS D 22 1.63 -27.00 16.65
CA CYS D 22 1.11 -26.58 15.37
C CYS D 22 -0.19 -27.30 15.12
N ARG D 23 -1.27 -26.54 14.96
CA ARG D 23 -2.57 -27.15 14.83
C ARG D 23 -3.17 -26.88 13.46
N LEU D 24 -3.64 -27.93 12.83
CA LEU D 24 -4.15 -27.86 11.47
C LEU D 24 -5.67 -27.69 11.46
N HIS D 25 -6.12 -26.63 10.81
CA HIS D 25 -7.53 -26.30 10.69
C HIS D 25 -7.99 -26.43 9.23
N GLY D 26 -9.24 -26.81 9.03
CA GLY D 26 -9.83 -26.80 7.69
C GLY D 26 -9.56 -28.04 6.85
N ASP D 27 -8.83 -29.00 7.39
CA ASP D 27 -8.63 -30.26 6.68
C ASP D 27 -8.37 -31.40 7.66
N LYS D 28 -8.30 -32.66 7.23
CA LYS D 28 -8.01 -33.77 8.04
C LYS D 28 -6.54 -33.86 8.35
N PHE D 29 -6.26 -33.85 9.62
CA PHE D 29 -4.91 -34.00 10.10
C PHE D 29 -4.46 -35.39 9.66
N GLY D 30 -3.52 -35.45 8.76
CA GLY D 30 -3.01 -36.70 8.22
C GLY D 30 -3.17 -37.08 6.80
N ALA D 31 -3.80 -36.16 6.17
CA ALA D 31 -4.02 -36.27 4.80
C ALA D 31 -2.70 -35.84 4.18
N HIS D 32 -1.90 -35.03 4.87
CA HIS D 32 -0.64 -34.49 4.34
C HIS D 32 0.51 -34.54 5.34
N TYR D 33 1.72 -34.61 4.84
CA TYR D 33 2.89 -34.57 5.64
C TYR D 33 3.05 -33.13 6.16
N ILE D 34 3.80 -32.97 7.23
CA ILE D 34 4.02 -31.65 7.82
C ILE D 34 5.49 -31.50 8.16
N HIS D 35 6.08 -30.38 7.74
CA HIS D 35 7.52 -30.12 7.92
C HIS D 35 7.76 -29.11 9.02
N TRP D 36 8.91 -29.19 9.67
CA TRP D 36 9.39 -28.11 10.51
C TRP D 36 10.61 -27.48 9.87
N VAL D 37 10.58 -26.15 9.78
CA VAL D 37 11.65 -25.37 9.15
C VAL D 37 11.93 -24.20 10.06
N ARG D 38 13.17 -23.73 10.06
CA ARG D 38 13.54 -22.60 10.89
C ARG D 38 14.35 -21.55 10.14
N GLN D 39 14.25 -20.30 10.58
CA GLN D 39 15.02 -19.22 9.99
C GLN D 39 15.56 -18.29 11.08
N ALA D 40 16.88 -18.25 11.20
CA ALA D 40 17.55 -17.40 12.20
C ALA D 40 17.53 -15.95 11.75
N PRO D 41 17.70 -15.01 12.70
CA PRO D 41 17.65 -13.60 12.31
C PRO D 41 18.70 -13.27 11.25
N GLY D 42 18.26 -12.69 10.14
CA GLY D 42 19.15 -12.37 9.03
C GLY D 42 19.62 -13.52 8.15
N GLN D 43 19.21 -14.74 8.46
CA GLN D 43 19.61 -15.92 7.67
C GLN D 43 18.48 -16.48 6.80
N GLY D 44 18.81 -17.56 6.10
CA GLY D 44 17.88 -18.25 5.22
C GLY D 44 17.09 -19.35 5.92
N LEU D 45 16.43 -20.18 5.13
CA LEU D 45 15.61 -21.28 5.65
C LEU D 45 16.45 -22.51 5.96
N GLU D 46 16.05 -23.24 7.00
CA GLU D 46 16.75 -24.47 7.39
C GLU D 46 15.77 -25.57 7.72
N TRP D 47 15.94 -26.72 7.06
CA TRP D 47 15.06 -27.86 7.28
C TRP D 47 15.43 -28.64 8.53
N LEU D 48 14.43 -28.91 9.35
CA LEU D 48 14.63 -29.67 10.58
C LEU D 48 14.16 -31.10 10.43
N GLY D 49 12.90 -31.27 10.06
CA GLY D 49 12.34 -32.58 9.84
C GLY D 49 10.90 -32.52 9.33
N PHE D 50 10.34 -33.71 9.18
CA PHE D 50 8.95 -33.86 8.78
C PHE D 50 8.32 -35.16 9.32
N PHE D 51 7.00 -35.22 9.39
CA PHE D 51 6.35 -36.41 9.92
C PHE D 51 5.06 -36.81 9.29
N HIS D 52 4.78 -38.09 9.48
CA HIS D 52 3.55 -38.68 9.10
C HIS D 52 2.44 -38.52 10.29
N PRO D 53 1.37 -37.44 9.98
CA PRO D 53 0.47 -37.16 11.09
C PRO D 53 -0.51 -38.30 11.35
N GLY D 54 -0.72 -39.17 10.38
CA GLY D 54 -1.50 -40.35 10.66
C GLY D 54 -0.75 -41.34 11.54
N THR D 55 0.43 -41.74 11.07
CA THR D 55 1.24 -42.75 11.75
C THR D 55 2.11 -42.22 12.89
N GLY D 56 2.60 -40.99 12.76
CA GLY D 56 3.57 -40.45 13.70
C GLY D 56 5.00 -40.70 13.28
N ASP D 57 5.20 -41.45 12.21
CA ASP D 57 6.51 -41.70 11.70
C ASP D 57 7.15 -40.38 11.26
N ALA D 58 8.41 -40.26 11.54
CA ALA D 58 9.13 -39.05 11.20
C ALA D 58 10.59 -39.20 10.99
N VAL D 59 11.12 -38.24 10.26
CA VAL D 59 12.52 -38.13 9.93
C VAL D 59 13.03 -36.73 10.23
N SER D 60 14.16 -36.67 10.92
CA SER D 60 14.80 -35.40 11.21
C SER D 60 16.17 -35.34 10.54
N ALA D 61 16.63 -34.13 10.25
CA ALA D 61 17.98 -33.95 9.71
C ALA D 61 19.01 -34.50 10.69
N GLN D 62 20.07 -35.10 10.14
CA GLN D 62 21.15 -35.70 10.93
C GLN D 62 21.68 -34.77 12.03
N LYS D 63 21.80 -33.50 11.70
CA LYS D 63 22.26 -32.46 12.61
C LYS D 63 21.53 -32.44 13.96
N PHE D 64 20.21 -32.63 13.90
CA PHE D 64 19.35 -32.54 15.08
C PHE D 64 19.01 -33.90 15.68
N GLN D 65 19.46 -34.97 15.05
CA GLN D 65 19.19 -36.32 15.53
C GLN D 65 19.60 -36.53 16.98
N GLY D 66 18.64 -36.99 17.77
CA GLY D 66 18.80 -37.20 19.19
C GLY D 66 18.53 -35.94 19.98
N ARG D 67 18.67 -34.79 19.33
CA ARG D 67 18.38 -33.52 19.98
C ARG D 67 16.93 -33.00 19.87
N ILE D 68 16.24 -33.36 18.79
CA ILE D 68 14.84 -32.91 18.62
C ILE D 68 13.86 -34.08 18.48
N SER D 69 12.57 -33.80 18.67
CA SER D 69 11.52 -34.81 18.49
C SER D 69 10.28 -34.22 17.82
N LEU D 70 9.72 -34.95 16.86
CA LEU D 70 8.50 -34.51 16.20
C LEU D 70 7.39 -35.48 16.58
N THR D 71 6.42 -35.00 17.34
CA THR D 71 5.30 -35.84 17.74
C THR D 71 4.00 -35.19 17.30
N ARG D 72 2.89 -35.82 17.67
CA ARG D 72 1.57 -35.35 17.24
C ARG D 72 0.45 -35.84 18.15
N ASP D 73 -0.69 -35.16 18.10
CA ASP D 73 -1.89 -35.63 18.76
C ASP D 73 -3.08 -35.49 17.79
N THR D 74 -3.62 -36.62 17.33
CA THR D 74 -4.66 -36.59 16.29
C THR D 74 -5.98 -36.09 16.83
N SER D 75 -6.26 -36.43 18.10
CA SER D 75 -7.48 -36.00 18.77
C SER D 75 -7.65 -34.49 18.67
N ILE D 76 -6.57 -33.74 18.83
CA ILE D 76 -6.58 -32.29 18.66
C ILE D 76 -5.97 -31.75 17.33
N SER D 77 -5.62 -32.65 16.39
CA SER D 77 -4.99 -32.25 15.13
C SER D 77 -3.78 -31.34 15.35
N THR D 78 -2.85 -31.79 16.16
CA THR D 78 -1.75 -30.93 16.59
C THR D 78 -0.42 -31.68 16.49
N GLY D 79 0.53 -31.09 15.77
CA GLY D 79 1.89 -31.59 15.75
C GLY D 79 2.79 -30.85 16.73
N TYR D 80 3.85 -31.51 17.17
CA TYR D 80 4.74 -30.92 18.17
C TYR D 80 6.19 -31.02 17.73
N LEU D 81 6.91 -29.93 17.93
CA LEU D 81 8.36 -29.93 17.72
C LEU D 81 9.03 -29.59 19.03
N GLU D 82 9.80 -30.54 19.54
CA GLU D 82 10.59 -30.30 20.74
C GLU D 82 12.07 -30.13 20.38
N VAL D 83 12.65 -29.01 20.80
CA VAL D 83 14.08 -28.81 20.66
C VAL D 83 14.70 -28.73 22.06
N ARG D 84 15.63 -29.61 22.36
CA ARG D 84 16.24 -29.64 23.69
C ARG D 84 17.64 -29.04 23.72
N ARG D 85 18.11 -28.79 24.94
CA ARG D 85 19.45 -28.25 25.18
C ARG D 85 19.75 -27.06 24.28
N LEU D 86 18.89 -26.05 24.37
CA LEU D 86 18.92 -24.91 23.47
C LEU D 86 20.19 -24.09 23.62
N SER D 87 20.70 -23.60 22.49
CA SER D 87 21.74 -22.58 22.49
C SER D 87 21.32 -21.41 21.61
N SER D 88 22.19 -20.40 21.54
CA SER D 88 21.98 -19.23 20.68
C SER D 88 21.82 -19.57 19.21
N ASP D 89 22.41 -20.67 18.76
CA ASP D 89 22.26 -21.09 17.36
C ASP D 89 20.81 -21.48 17.06
N ASP D 90 20.02 -21.69 18.11
CA ASP D 90 18.63 -22.09 17.95
C ASP D 90 17.65 -20.92 18.01
N THR D 91 18.15 -19.72 18.26
CA THR D 91 17.28 -18.55 18.25
C THR D 91 16.85 -18.32 16.81
N ALA D 92 15.53 -18.31 16.58
CA ALA D 92 14.98 -18.23 15.23
C ALA D 92 13.44 -18.28 15.25
N VAL D 93 12.83 -18.08 14.08
CA VAL D 93 11.39 -18.30 13.92
C VAL D 93 11.10 -19.71 13.44
N TYR D 94 10.27 -20.45 14.17
CA TYR D 94 10.02 -21.85 13.77
C TYR D 94 8.66 -21.99 13.09
N TYR D 95 8.69 -22.58 11.89
CA TYR D 95 7.50 -22.76 11.07
C TYR D 95 7.10 -24.23 10.99
N CYS D 96 5.81 -24.51 11.03
CA CYS D 96 5.31 -25.78 10.54
C CYS D 96 4.66 -25.50 9.18
N ALA D 97 4.76 -26.45 8.26
CA ALA D 97 4.20 -26.24 6.93
C ALA D 97 3.70 -27.55 6.34
N ARG D 98 2.51 -27.49 5.74
CA ARG D 98 1.87 -28.67 5.17
C ARG D 98 2.51 -28.96 3.82
N ASP D 99 2.81 -30.23 3.56
CA ASP D 99 3.32 -30.58 2.25
C ASP D 99 2.15 -31.00 1.37
N LYS D 100 2.22 -30.66 0.08
CA LYS D 100 1.18 -31.03 -0.86
C LYS D 100 0.99 -32.55 -0.88
N THR D 101 2.06 -33.28 -0.58
CA THR D 101 2.05 -34.74 -0.47
C THR D 101 1.42 -35.41 -1.69
N TYR D 102 1.92 -35.07 -2.89
CA TYR D 102 1.50 -35.75 -4.11
C TYR D 102 2.22 -37.08 -4.27
N SER D 103 1.47 -38.10 -4.68
CA SER D 103 2.04 -39.41 -5.01
C SER D 103 2.87 -39.96 -3.86
N ASP D 104 2.36 -39.80 -2.67
CA ASP D 104 2.96 -40.34 -1.53
C ASP D 104 4.40 -39.97 -1.25
N GLU D 105 4.83 -38.79 -1.72
CA GLU D 105 6.17 -38.30 -1.50
C GLU D 105 6.21 -36.79 -1.19
N ALA D 106 7.35 -36.31 -0.65
CA ALA D 106 7.57 -34.87 -0.45
C ALA D 106 7.40 -34.11 -1.75
N THR D 107 6.55 -33.09 -1.73
CA THR D 107 6.16 -32.36 -2.93
C THR D 107 6.43 -30.85 -2.83
N GLY D 108 6.27 -30.31 -1.64
CA GLY D 108 6.48 -28.89 -1.44
C GLY D 108 5.58 -28.34 -0.36
N MET D 109 6.10 -27.38 0.39
CA MET D 109 5.38 -26.79 1.51
C MET D 109 4.42 -25.69 1.04
N ASP D 110 3.17 -26.07 0.79
CA ASP D 110 2.17 -25.14 0.25
C ASP D 110 1.32 -24.39 1.28
N ILE D 111 1.33 -24.83 2.52
CA ILE D 111 0.59 -24.13 3.57
C ILE D 111 1.49 -23.95 4.78
N TRP D 112 1.76 -22.70 5.13
CA TRP D 112 2.71 -22.36 6.17
C TRP D 112 2.03 -21.86 7.45
N GLY D 113 2.59 -22.22 8.59
CA GLY D 113 2.10 -21.69 9.86
C GLY D 113 2.63 -20.27 9.94
N GLN D 114 2.12 -19.49 10.89
CA GLN D 114 2.51 -18.10 11.00
C GLN D 114 3.91 -17.95 11.60
N GLY D 115 4.48 -19.07 12.04
CA GLY D 115 5.79 -19.09 12.67
C GLY D 115 5.75 -18.85 14.17
N THR D 116 6.73 -19.40 14.88
CA THR D 116 6.87 -19.18 16.31
C THR D 116 8.27 -18.72 16.65
N THR D 117 8.38 -17.54 17.25
CA THR D 117 9.68 -17.03 17.68
C THR D 117 10.18 -17.76 18.91
N VAL D 118 11.40 -18.27 18.83
CA VAL D 118 12.06 -18.85 20.00
C VAL D 118 13.40 -18.17 20.19
N ILE D 119 13.52 -17.41 21.28
CA ILE D 119 14.75 -16.72 21.62
C ILE D 119 15.44 -17.46 22.75
N VAL D 120 16.69 -17.85 22.55
CA VAL D 120 17.45 -18.51 23.60
C VAL D 120 18.37 -17.49 24.25
N SER D 121 18.06 -17.10 25.48
CA SER D 121 18.83 -16.08 26.18
C SER D 121 18.65 -16.14 27.69
N SER D 122 19.64 -15.63 28.40
CA SER D 122 19.61 -15.57 29.85
C SER D 122 19.03 -14.26 30.35
N ALA D 123 18.81 -13.33 29.41
CA ALA D 123 18.29 -12.01 29.74
C ALA D 123 16.92 -12.08 30.40
N SER D 124 16.63 -11.08 31.23
CA SER D 124 15.33 -10.97 31.88
C SER D 124 14.50 -9.86 31.23
N THR D 125 13.18 -10.02 31.25
CA THR D 125 12.27 -9.06 30.62
C THR D 125 12.48 -7.64 31.13
N LYS D 126 12.70 -6.71 30.21
CA LYS D 126 12.95 -5.31 30.54
C LYS D 126 12.35 -4.34 29.52
N GLY D 127 11.64 -3.34 30.02
CA GLY D 127 11.10 -2.29 29.17
C GLY D 127 12.19 -1.40 28.60
N PRO D 128 11.90 -0.69 27.49
CA PRO D 128 12.91 0.11 26.80
C PRO D 128 13.15 1.46 27.48
N SER D 129 14.32 2.04 27.21
CA SER D 129 14.52 3.46 27.43
C SER D 129 14.29 4.16 26.10
N VAL D 130 13.55 5.26 26.12
CA VAL D 130 13.29 6.02 24.91
C VAL D 130 13.97 7.37 24.98
N PHE D 131 14.90 7.61 24.06
CA PHE D 131 15.64 8.86 24.03
C PHE D 131 15.36 9.58 22.72
N PRO D 132 15.30 10.93 22.77
CA PRO D 132 14.95 11.68 21.58
C PRO D 132 16.09 11.75 20.57
N LEU D 133 15.74 11.76 19.28
CA LEU D 133 16.70 12.11 18.25
C LEU D 133 16.21 13.43 17.69
N ALA D 134 16.90 14.48 18.10
CA ALA D 134 16.37 15.82 17.99
C ALA D 134 16.72 16.48 16.67
N PRO D 135 15.73 17.15 16.05
CA PRO D 135 16.11 17.82 14.81
C PRO D 135 16.98 19.03 15.14
N SER D 136 17.90 19.33 14.24
CA SER D 136 18.79 20.48 14.32
C SER D 136 19.25 20.79 12.90
N SER D 137 20.29 21.60 12.74
CA SER D 137 20.54 22.25 11.45
C SER D 137 20.49 21.26 10.30
N LYS D 138 19.61 21.61 9.35
CA LYS D 138 18.83 20.66 8.56
C LYS D 138 19.27 20.32 7.13
N SER D 139 18.36 19.65 6.43
CA SER D 139 18.42 19.42 4.99
C SER D 139 17.32 20.16 4.25
N GLY D 143 13.62 22.17 2.72
CA GLY D 143 12.50 22.25 3.64
C GLY D 143 12.24 20.92 4.34
N THR D 144 13.32 20.19 4.61
CA THR D 144 13.22 18.86 5.20
C THR D 144 14.13 18.72 6.43
N ALA D 145 13.55 18.25 7.53
CA ALA D 145 14.30 17.99 8.76
C ALA D 145 14.03 16.58 9.25
N ALA D 146 15.05 15.94 9.81
CA ALA D 146 14.90 14.59 10.31
C ALA D 146 14.93 14.55 11.83
N LEU D 147 14.07 13.71 12.41
CA LEU D 147 14.08 13.49 13.84
C LEU D 147 13.66 12.05 14.13
N GLY D 148 13.68 11.65 15.40
CA GLY D 148 13.25 10.31 15.74
C GLY D 148 13.38 9.94 17.21
N CYS D 149 13.25 8.66 17.50
CA CYS D 149 13.53 8.14 18.83
C CYS D 149 14.47 6.96 18.79
N LEU D 150 15.40 6.94 19.74
CA LEU D 150 16.23 5.77 19.98
C LEU D 150 15.57 4.91 21.05
N VAL D 151 15.19 3.68 20.70
CA VAL D 151 14.56 2.79 21.68
C VAL D 151 15.59 1.76 22.13
N LYS D 152 16.12 1.95 23.34
CA LYS D 152 17.30 1.22 23.77
C LYS D 152 17.06 0.30 24.96
N ASP D 153 17.75 -0.83 24.95
CA ASP D 153 17.88 -1.72 26.10
C ASP D 153 16.56 -2.28 26.59
N TYR D 154 15.98 -3.11 25.72
CA TYR D 154 14.76 -3.81 26.03
C TYR D 154 14.87 -5.29 25.69
N PHE D 155 14.13 -6.13 26.43
CA PHE D 155 14.07 -7.55 26.14
C PHE D 155 12.70 -8.10 26.54
N PRO D 156 12.17 -9.05 25.75
CA PRO D 156 12.61 -9.45 24.42
C PRO D 156 11.91 -8.62 23.35
N GLU D 157 12.21 -8.90 22.08
CA GLU D 157 11.45 -8.30 20.99
C GLU D 157 10.00 -8.79 21.04
N PRO D 158 9.08 -8.06 20.37
CA PRO D 158 9.24 -6.82 19.63
C PRO D 158 8.90 -5.56 20.41
N VAL D 159 9.11 -4.41 19.78
CA VAL D 159 8.41 -3.19 20.14
C VAL D 159 7.71 -2.67 18.90
N THR D 160 6.62 -1.94 19.09
CA THR D 160 6.01 -1.24 17.97
C THR D 160 6.18 0.26 18.19
N VAL D 161 6.41 0.98 17.10
CA VAL D 161 6.58 2.43 17.16
C VAL D 161 5.57 3.10 16.23
N SER D 162 4.84 4.07 16.77
CA SER D 162 4.00 4.90 15.94
C SER D 162 4.40 6.35 16.15
N TRP D 163 3.76 7.26 15.41
CA TRP D 163 4.04 8.68 15.51
C TRP D 163 2.75 9.47 15.56
N ASN D 164 2.67 10.34 16.56
CA ASN D 164 1.45 11.07 16.87
C ASN D 164 0.27 10.11 16.95
N SER D 165 0.50 8.99 17.62
CA SER D 165 -0.54 7.99 17.87
C SER D 165 -1.12 7.41 16.59
N GLY D 166 -0.34 7.45 15.52
CA GLY D 166 -0.73 6.81 14.27
C GLY D 166 -1.10 7.82 13.20
N ALA D 167 -1.23 9.08 13.59
CA ALA D 167 -1.59 10.12 12.65
C ALA D 167 -0.46 10.45 11.68
N LEU D 168 0.78 10.23 12.12
CA LEU D 168 1.94 10.49 11.28
C LEU D 168 2.57 9.19 10.77
N THR D 169 2.47 8.98 9.46
CA THR D 169 2.98 7.77 8.82
C THR D 169 4.00 8.10 7.73
N SER D 170 3.60 8.95 6.79
CA SER D 170 4.48 9.37 5.69
C SER D 170 5.82 9.88 6.19
N GLY D 171 6.91 9.38 5.59
CA GLY D 171 8.24 9.84 5.93
C GLY D 171 8.84 9.10 7.11
N VAL D 172 8.07 8.18 7.68
CA VAL D 172 8.50 7.44 8.87
C VAL D 172 9.35 6.22 8.48
N HIS D 173 10.49 6.06 9.16
CA HIS D 173 11.32 4.87 8.98
C HIS D 173 11.60 4.25 10.34
N THR D 174 11.08 3.04 10.56
CA THR D 174 11.40 2.30 11.78
C THR D 174 12.28 1.11 11.43
N PHE D 175 13.49 1.14 11.97
CA PHE D 175 14.55 0.20 11.61
C PHE D 175 14.49 -1.14 12.35
N PRO D 176 15.06 -2.19 11.73
CA PRO D 176 15.24 -3.48 12.40
C PRO D 176 16.03 -3.34 13.69
N ALA D 177 15.58 -4.01 14.74
CA ALA D 177 16.28 -3.97 16.02
C ALA D 177 17.62 -4.67 15.88
N VAL D 178 18.56 -4.29 16.74
CA VAL D 178 19.83 -4.99 16.80
C VAL D 178 20.05 -5.58 18.19
N LEU D 179 20.82 -6.67 18.26
CA LEU D 179 21.09 -7.31 19.52
C LEU D 179 22.42 -6.82 20.05
N GLN D 180 22.37 -6.04 21.13
CA GLN D 180 23.60 -5.50 21.71
C GLN D 180 24.35 -6.59 22.45
N SER D 181 25.63 -6.36 22.70
CA SER D 181 26.48 -7.33 23.38
C SER D 181 25.96 -7.64 24.78
N SER D 182 25.16 -6.73 25.32
CA SER D 182 24.59 -6.88 26.65
C SER D 182 23.50 -7.95 26.72
N GLY D 183 22.98 -8.34 25.56
CA GLY D 183 21.88 -9.29 25.49
C GLY D 183 20.54 -8.59 25.30
N LEU D 184 20.59 -7.26 25.27
CA LEU D 184 19.40 -6.43 25.14
C LEU D 184 19.29 -5.83 23.73
N TYR D 185 18.05 -5.70 23.23
CA TYR D 185 17.84 -5.09 21.91
C TYR D 185 17.78 -3.56 21.92
N SER D 186 18.10 -2.97 20.77
CA SER D 186 17.97 -1.53 20.55
C SER D 186 17.49 -1.24 19.13
N LEU D 187 16.50 -0.36 18.99
CA LEU D 187 16.13 0.13 17.65
C LEU D 187 15.94 1.64 17.64
N SER D 188 15.94 2.20 16.44
CA SER D 188 15.57 3.60 16.25
C SER D 188 14.40 3.70 15.29
N SER D 189 13.64 4.80 15.41
CA SER D 189 12.59 5.12 14.46
C SER D 189 12.73 6.59 14.09
N VAL D 190 12.76 6.88 12.80
CA VAL D 190 12.89 8.28 12.38
C VAL D 190 11.74 8.71 11.48
N VAL D 191 11.57 10.02 11.34
CA VAL D 191 10.62 10.59 10.38
C VAL D 191 11.19 11.90 9.85
N THR D 192 10.99 12.15 8.56
CA THR D 192 11.41 13.42 7.98
C THR D 192 10.17 14.28 7.82
N VAL D 193 10.24 15.49 8.37
CA VAL D 193 9.12 16.42 8.35
C VAL D 193 9.56 17.77 7.78
N PRO D 194 8.60 18.60 7.37
CA PRO D 194 8.97 19.96 6.93
C PRO D 194 9.74 20.70 8.01
N SER D 195 10.87 21.29 7.62
CA SER D 195 11.71 22.00 8.57
C SER D 195 11.06 23.29 9.09
N SER D 196 10.13 23.84 8.31
CA SER D 196 9.42 25.04 8.73
C SER D 196 8.36 24.72 9.78
N SER D 197 8.05 23.44 9.95
CA SER D 197 7.00 23.04 10.89
C SER D 197 7.52 22.92 12.32
N LEU D 198 8.84 22.87 12.48
CA LEU D 198 9.42 22.61 13.81
C LEU D 198 9.11 23.78 14.74
N GLY D 199 8.78 23.49 15.99
CA GLY D 199 8.43 24.53 16.94
C GLY D 199 6.98 24.89 16.78
N THR D 200 6.42 24.52 15.63
CA THR D 200 5.02 24.72 15.34
C THR D 200 4.32 23.41 15.67
N GLN D 201 4.60 22.39 14.86
CA GLN D 201 4.05 21.05 15.02
C GLN D 201 4.74 20.25 16.13
N THR D 202 3.94 19.51 16.89
CA THR D 202 4.47 18.60 17.91
C THR D 202 4.68 17.20 17.35
N TYR D 203 5.81 16.59 17.68
CA TYR D 203 6.11 15.23 17.23
C TYR D 203 6.35 14.32 18.43
N ILE D 204 5.52 13.29 18.51
CA ILE D 204 5.57 12.34 19.61
C ILE D 204 5.75 10.94 19.05
N CYS D 205 6.74 10.20 19.56
CA CYS D 205 6.90 8.81 19.21
C CYS D 205 6.23 7.92 20.26
N ASN D 206 5.45 6.97 19.80
CA ASN D 206 4.74 6.06 20.69
C ASN D 206 5.37 4.68 20.68
N VAL D 207 5.99 4.31 21.79
CA VAL D 207 6.74 3.05 21.88
C VAL D 207 5.99 2.05 22.72
N ASN D 208 5.74 0.86 22.15
CA ASN D 208 5.01 -0.18 22.87
C ASN D 208 5.83 -1.45 23.01
N HIS D 209 6.05 -1.87 24.25
CA HIS D 209 6.63 -3.17 24.54
C HIS D 209 5.65 -3.97 25.39
N LYS D 210 5.03 -4.97 24.77
CA LYS D 210 4.02 -5.79 25.43
C LYS D 210 4.55 -6.71 26.56
N PRO D 211 5.73 -7.37 26.36
CA PRO D 211 6.25 -8.21 27.44
C PRO D 211 6.37 -7.51 28.78
N SER D 212 6.85 -6.28 28.79
CA SER D 212 7.02 -5.52 30.03
C SER D 212 5.81 -4.62 30.33
N ASN D 213 4.84 -4.63 29.43
CA ASN D 213 3.66 -3.76 29.52
C ASN D 213 4.06 -2.29 29.62
N THR D 214 5.05 -1.90 28.83
CA THR D 214 5.47 -0.51 28.77
C THR D 214 4.92 0.16 27.52
N LYS D 215 4.30 1.32 27.69
CA LYS D 215 4.03 2.16 26.54
C LYS D 215 4.54 3.56 26.81
N VAL D 216 5.54 3.98 26.04
CA VAL D 216 6.14 5.29 26.26
C VAL D 216 5.81 6.23 25.13
N ASP D 217 5.37 7.43 25.49
CA ASP D 217 5.15 8.51 24.55
C ASP D 217 6.20 9.58 24.82
N LYS D 218 7.08 9.80 23.86
CA LYS D 218 8.19 10.72 24.05
C LYS D 218 8.09 11.87 23.07
N LYS D 219 8.02 13.08 23.60
CA LYS D 219 7.91 14.27 22.78
C LYS D 219 9.32 14.72 22.40
N VAL D 220 9.57 14.77 21.10
CA VAL D 220 10.90 15.00 20.54
C VAL D 220 11.03 16.46 20.12
N GLU D 221 11.96 17.18 20.72
CA GLU D 221 12.04 18.62 20.51
C GLU D 221 13.32 19.05 19.79
N PRO D 222 13.23 20.16 19.04
CA PRO D 222 14.35 20.69 18.25
C PRO D 222 15.58 21.06 19.05
N LYS D 223 16.76 20.82 18.47
CA LYS D 223 18.06 21.31 18.96
C LYS D 223 18.27 21.27 20.47
N ASP E 1 25.03 -34.61 2.15
CA ASP E 1 24.16 -33.48 1.83
C ASP E 1 24.38 -32.93 0.41
N ILE E 2 23.27 -32.70 -0.27
CA ILE E 2 23.24 -31.99 -1.54
C ILE E 2 23.24 -30.48 -1.34
N LYS E 3 24.13 -29.78 -2.01
CA LYS E 3 24.20 -28.33 -1.86
C LYS E 3 23.52 -27.68 -3.06
N LEU E 4 22.69 -26.69 -2.77
CA LEU E 4 22.02 -25.93 -3.83
C LEU E 4 22.66 -24.55 -3.86
N THR E 5 23.20 -24.19 -5.01
CA THR E 5 23.91 -22.92 -5.15
C THR E 5 23.08 -21.94 -5.97
N GLN E 6 22.62 -20.87 -5.32
CA GLN E 6 21.81 -19.86 -5.99
C GLN E 6 22.62 -18.66 -6.46
N SER E 7 22.36 -18.25 -7.69
CA SER E 7 22.99 -17.06 -8.25
C SER E 7 22.00 -16.28 -9.12
N PRO E 8 22.12 -14.94 -9.11
CA PRO E 8 22.98 -14.16 -8.20
C PRO E 8 22.34 -14.03 -6.81
N ALA E 9 23.12 -13.65 -5.80
CA ALA E 9 22.59 -13.42 -4.45
C ALA E 9 21.60 -12.25 -4.43
N PHE E 10 21.90 -11.21 -5.21
CA PHE E 10 20.99 -10.07 -5.36
C PHE E 10 20.69 -9.77 -6.82
N LEU E 11 19.46 -9.37 -7.07
CA LEU E 11 19.04 -9.01 -8.43
C LEU E 11 18.12 -7.80 -8.35
N SER E 12 18.53 -6.75 -9.06
CA SER E 12 17.77 -5.51 -9.13
C SER E 12 17.37 -5.27 -10.57
N ALA E 13 16.10 -4.90 -10.79
CA ALA E 13 15.64 -4.63 -12.14
C ALA E 13 14.45 -3.70 -12.14
N SER E 14 14.20 -3.05 -13.28
CA SER E 14 13.12 -2.09 -13.38
C SER E 14 11.77 -2.78 -13.44
N VAL E 15 10.71 -2.06 -13.06
CA VAL E 15 9.36 -2.56 -13.20
C VAL E 15 9.05 -2.85 -14.68
N GLY E 16 8.49 -4.03 -14.96
CA GLY E 16 8.19 -4.40 -16.32
C GLY E 16 9.33 -5.10 -17.04
N GLU E 17 10.42 -5.31 -16.33
CA GLU E 17 11.59 -6.03 -16.86
C GLU E 17 11.55 -7.55 -16.72
N ARG E 18 12.11 -8.22 -17.72
CA ARG E 18 12.23 -9.67 -17.68
C ARG E 18 13.47 -10.05 -16.88
N VAL E 19 13.31 -10.92 -15.88
CA VAL E 19 14.46 -11.33 -15.05
C VAL E 19 14.50 -12.84 -14.84
N THR E 20 15.70 -13.35 -14.57
CA THR E 20 15.93 -14.77 -14.33
C THR E 20 17.01 -14.96 -13.26
N PHE E 21 16.77 -15.89 -12.32
CA PHE E 21 17.82 -16.25 -11.37
C PHE E 21 17.91 -17.77 -11.30
N THR E 22 18.99 -18.28 -10.71
CA THR E 22 19.34 -19.70 -10.86
C THR E 22 19.56 -20.45 -9.54
N CYS E 23 19.21 -21.73 -9.56
CA CYS E 23 19.53 -22.66 -8.49
C CYS E 23 20.23 -23.86 -9.10
N ARG E 24 21.41 -24.20 -8.59
CA ARG E 24 22.18 -25.31 -9.14
C ARG E 24 22.51 -26.35 -8.08
N ALA E 25 22.10 -27.58 -8.35
CA ALA E 25 22.29 -28.69 -7.43
C ALA E 25 23.63 -29.40 -7.64
N SER E 26 24.26 -29.78 -6.53
CA SER E 26 25.55 -30.43 -6.56
C SER E 26 25.50 -31.86 -7.13
N GLN E 27 24.30 -32.45 -7.21
CA GLN E 27 24.12 -33.78 -7.83
C GLN E 27 22.73 -33.88 -8.46
N ASP E 28 22.50 -34.90 -9.28
CA ASP E 28 21.22 -35.06 -9.94
C ASP E 28 20.10 -35.12 -8.91
N ILE E 29 19.18 -34.17 -9.03
CA ILE E 29 18.03 -34.07 -8.13
C ILE E 29 16.75 -34.53 -8.81
N ARG E 30 16.89 -34.98 -10.05
CA ARG E 30 15.74 -35.26 -10.92
C ARG E 30 14.87 -34.02 -11.05
N HIS E 31 13.56 -34.20 -10.92
CA HIS E 31 12.62 -33.09 -11.00
C HIS E 31 12.25 -32.54 -9.63
N GLU E 32 12.91 -33.00 -8.61
CA GLU E 32 12.48 -32.67 -7.26
C GLU E 32 13.10 -31.46 -6.61
N LEU E 33 12.56 -30.29 -6.93
CA LEU E 33 13.08 -29.01 -6.47
C LEU E 33 11.91 -28.05 -6.41
N VAL E 34 11.91 -27.16 -5.44
CA VAL E 34 10.80 -26.22 -5.27
C VAL E 34 11.36 -24.84 -4.96
N TRP E 35 10.58 -23.81 -5.27
CA TRP E 35 10.93 -22.44 -4.92
C TRP E 35 9.95 -21.90 -3.89
N TYR E 36 10.43 -21.15 -2.91
CA TYR E 36 9.54 -20.40 -2.05
C TYR E 36 9.85 -18.91 -2.20
N GLN E 37 8.80 -18.11 -2.24
CA GLN E 37 8.93 -16.67 -2.24
C GLN E 37 8.72 -16.14 -0.82
N GLN E 38 9.68 -15.40 -0.28
CA GLN E 38 9.46 -14.76 1.01
C GLN E 38 9.46 -13.24 0.83
N LYS E 39 8.28 -12.64 0.87
CA LYS E 39 8.10 -11.20 0.79
C LYS E 39 8.57 -10.53 2.06
N PRO E 40 8.92 -9.24 1.98
CA PRO E 40 9.39 -8.52 3.17
C PRO E 40 8.38 -8.54 4.30
N GLY E 41 8.82 -8.90 5.50
CA GLY E 41 7.94 -8.92 6.66
C GLY E 41 7.02 -10.12 6.74
N ARG E 42 7.20 -11.08 5.82
CA ARG E 42 6.32 -12.24 5.79
C ARG E 42 6.98 -13.62 5.86
N GLY E 43 6.14 -14.64 5.94
CA GLY E 43 6.59 -16.03 5.92
C GLY E 43 6.76 -16.47 4.48
N PRO E 44 7.57 -17.51 4.27
CA PRO E 44 7.75 -18.11 2.93
C PRO E 44 6.44 -18.63 2.34
N LYS E 45 6.37 -18.68 1.01
CA LYS E 45 5.16 -19.13 0.30
C LYS E 45 5.57 -19.96 -0.90
N LEU E 46 4.88 -21.07 -1.15
CA LEU E 46 5.24 -21.94 -2.27
C LEU E 46 4.99 -21.28 -3.62
N LEU E 47 6.01 -21.31 -4.48
CA LEU E 47 5.98 -20.66 -5.79
C LEU E 47 5.85 -21.65 -6.95
N ILE E 48 6.83 -22.54 -7.05
CA ILE E 48 6.89 -23.53 -8.13
C ILE E 48 7.28 -24.90 -7.57
N TYR E 49 6.62 -25.97 -7.98
CA TYR E 49 7.04 -27.30 -7.57
C TYR E 49 7.27 -28.16 -8.80
N TYR E 50 8.01 -29.26 -8.64
CA TYR E 50 8.48 -30.12 -9.73
C TYR E 50 9.36 -29.30 -10.70
N GLY E 51 9.83 -28.16 -10.22
CA GLY E 51 10.74 -27.27 -10.92
C GLY E 51 10.08 -26.34 -11.93
N SER E 52 9.03 -26.80 -12.60
CA SER E 52 8.32 -25.94 -13.56
C SER E 52 6.84 -25.65 -13.25
N THR E 53 6.29 -26.26 -12.21
CA THR E 53 4.84 -26.19 -12.02
C THR E 53 4.41 -25.07 -11.07
N LEU E 54 3.53 -24.19 -11.54
CA LEU E 54 3.01 -23.09 -10.74
C LEU E 54 2.15 -23.58 -9.58
N GLU E 55 2.41 -23.07 -8.39
CA GLU E 55 1.50 -23.28 -7.28
C GLU E 55 0.24 -22.45 -7.55
N GLY E 56 -0.91 -22.88 -7.03
CA GLY E 56 -2.12 -22.12 -7.22
C GLY E 56 -2.02 -20.72 -6.65
N GLY E 57 -2.65 -19.77 -7.34
CA GLY E 57 -2.62 -18.38 -6.92
C GLY E 57 -1.46 -17.59 -7.48
N VAL E 58 -0.40 -18.28 -7.91
CA VAL E 58 0.81 -17.61 -8.37
C VAL E 58 0.63 -17.11 -9.81
N PRO E 59 0.91 -15.82 -10.06
CA PRO E 59 0.74 -15.18 -11.36
C PRO E 59 1.43 -15.90 -12.52
N SER E 60 0.82 -15.84 -13.70
CA SER E 60 1.32 -16.54 -14.88
C SER E 60 2.66 -16.01 -15.41
N ARG E 61 2.99 -14.78 -15.08
CA ARG E 61 4.26 -14.19 -15.49
C ARG E 61 5.46 -14.97 -14.90
N PHE E 62 5.21 -15.72 -13.82
CA PHE E 62 6.25 -16.59 -13.28
C PHE E 62 6.30 -17.86 -14.14
N SER E 63 7.50 -18.39 -14.31
CA SER E 63 7.70 -19.69 -14.96
C SER E 63 8.97 -20.30 -14.40
N GLY E 64 9.19 -21.58 -14.69
CA GLY E 64 10.43 -22.22 -14.29
C GLY E 64 10.89 -23.19 -15.36
N ARG E 65 12.19 -23.47 -15.37
CA ARG E 65 12.80 -24.27 -16.42
C ARG E 65 13.88 -25.15 -15.81
N ARG E 66 13.88 -26.44 -16.14
CA ARG E 66 14.95 -27.34 -15.73
C ARG E 66 15.93 -27.61 -16.86
N SER E 67 17.21 -27.44 -16.57
CA SER E 67 18.24 -27.98 -17.45
C SER E 67 19.22 -28.77 -16.61
N GLY E 68 19.15 -30.10 -16.73
CA GLY E 68 19.96 -30.96 -15.88
C GLY E 68 19.73 -30.72 -14.40
N THR E 69 20.83 -30.39 -13.72
CA THR E 69 20.81 -30.01 -12.31
C THR E 69 20.63 -28.50 -12.13
N GLU E 70 20.48 -27.79 -13.24
CA GLU E 70 20.30 -26.34 -13.20
C GLU E 70 18.83 -25.95 -13.35
N PHE E 71 18.32 -25.25 -12.34
CA PHE E 71 16.93 -24.80 -12.33
C PHE E 71 16.85 -23.28 -12.32
N THR E 72 15.90 -22.72 -13.07
CA THR E 72 15.77 -21.27 -13.16
C THR E 72 14.33 -20.82 -13.07
N VAL E 73 14.13 -19.64 -12.52
CA VAL E 73 12.82 -18.98 -12.52
C VAL E 73 12.95 -17.73 -13.40
N THR E 74 11.93 -17.46 -14.19
CA THR E 74 11.91 -16.26 -15.00
C THR E 74 10.64 -15.46 -14.76
N ILE E 75 10.80 -14.19 -14.43
CA ILE E 75 9.66 -13.29 -14.28
C ILE E 75 9.55 -12.46 -15.55
N SER E 76 8.49 -12.69 -16.33
CA SER E 76 8.38 -12.09 -17.65
C SER E 76 8.36 -10.57 -17.60
N SER E 77 7.59 -10.02 -16.65
CA SER E 77 7.61 -8.58 -16.39
C SER E 77 7.56 -8.33 -14.88
N LEU E 78 8.61 -7.71 -14.36
CA LEU E 78 8.75 -7.53 -12.90
C LEU E 78 7.78 -6.47 -12.38
N GLN E 79 7.12 -6.81 -11.27
CA GLN E 79 6.22 -5.88 -10.60
C GLN E 79 6.70 -5.71 -9.16
N PRO E 80 6.31 -4.59 -8.51
CA PRO E 80 6.79 -4.30 -7.15
C PRO E 80 6.50 -5.39 -6.11
N GLU E 81 5.39 -6.12 -6.22
CA GLU E 81 5.06 -7.17 -5.26
C GLU E 81 5.92 -8.43 -5.43
N ASP E 82 6.76 -8.47 -6.46
CA ASP E 82 7.66 -9.61 -6.66
C ASP E 82 8.90 -9.49 -5.77
N VAL E 83 8.99 -8.38 -5.06
CA VAL E 83 10.16 -8.08 -4.24
C VAL E 83 10.24 -9.02 -3.04
N GLY E 84 11.44 -9.48 -2.74
CA GLY E 84 11.68 -10.34 -1.59
C GLY E 84 12.85 -11.27 -1.87
N THR E 85 12.93 -12.37 -1.14
CA THR E 85 13.97 -13.37 -1.36
C THR E 85 13.39 -14.71 -1.77
N TYR E 86 13.98 -15.30 -2.79
CA TYR E 86 13.51 -16.57 -3.33
C TYR E 86 14.46 -17.69 -2.94
N TYR E 87 13.91 -18.76 -2.37
CA TYR E 87 14.71 -19.89 -1.93
C TYR E 87 14.34 -21.13 -2.72
N CYS E 88 15.33 -21.93 -3.10
CA CYS E 88 15.06 -23.22 -3.73
C CYS E 88 15.29 -24.31 -2.70
N GLN E 89 14.56 -25.41 -2.82
CA GLN E 89 14.72 -26.54 -1.92
C GLN E 89 14.61 -27.85 -2.69
N GLN E 90 15.52 -28.78 -2.42
CA GLN E 90 15.52 -30.07 -3.08
C GLN E 90 14.81 -31.12 -2.22
N LEU E 91 13.96 -31.88 -2.85
CA LEU E 91 13.18 -32.89 -2.15
C LEU E 91 13.60 -34.28 -2.48
N ASN E 92 14.75 -34.42 -3.11
CA ASN E 92 15.27 -35.63 -3.58
C ASN E 92 15.84 -36.56 -2.57
N SER E 93 16.67 -36.05 -1.67
CA SER E 93 17.38 -36.85 -0.69
C SER E 93 17.55 -36.14 0.67
N PHE E 94 17.49 -36.91 1.75
CA PHE E 94 17.67 -36.37 3.11
C PHE E 94 19.10 -35.95 3.38
N PRO E 95 19.28 -34.83 4.10
CA PRO E 95 18.25 -33.87 4.53
C PRO E 95 17.76 -33.03 3.35
N LEU E 96 16.58 -32.44 3.45
CA LEU E 96 16.08 -31.69 2.31
C LEU E 96 16.57 -30.26 2.43
N THR E 97 17.59 -29.95 1.63
CA THR E 97 18.34 -28.70 1.78
C THR E 97 17.73 -27.50 1.08
N PHE E 98 18.05 -26.32 1.61
CA PHE E 98 17.66 -25.05 1.02
C PHE E 98 18.83 -24.36 0.34
N GLY E 99 18.53 -23.62 -0.73
CA GLY E 99 19.51 -22.72 -1.32
C GLY E 99 19.71 -21.52 -0.41
N GLY E 100 20.73 -20.73 -0.66
CA GLY E 100 21.01 -19.57 0.16
C GLY E 100 20.14 -18.36 -0.12
N GLY E 101 19.32 -18.45 -1.15
CA GLY E 101 18.42 -17.36 -1.52
C GLY E 101 18.95 -16.35 -2.54
N THR E 102 18.02 -15.78 -3.30
CA THR E 102 18.30 -14.68 -4.22
C THR E 102 17.35 -13.53 -3.89
N THR E 103 17.89 -12.35 -3.63
CA THR E 103 17.06 -11.24 -3.17
C THR E 103 16.76 -10.23 -4.28
N VAL E 104 15.47 -10.03 -4.54
CA VAL E 104 15.02 -9.14 -5.62
C VAL E 104 14.52 -7.81 -5.09
N ASP E 105 15.04 -6.71 -5.64
CA ASP E 105 14.48 -5.39 -5.39
C ASP E 105 14.28 -4.65 -6.72
N ILE E 106 13.55 -3.54 -6.69
CA ILE E 106 13.27 -2.79 -7.90
C ILE E 106 14.38 -1.79 -8.19
N ARG E 107 14.92 -1.83 -9.40
CA ARG E 107 15.94 -0.88 -9.80
C ARG E 107 15.31 0.46 -10.14
N ARG E 108 15.92 1.52 -9.62
CA ARG E 108 15.50 2.89 -9.86
C ARG E 108 16.79 3.68 -10.10
N THR E 109 16.65 4.95 -10.50
CA THR E 109 17.84 5.80 -10.66
C THR E 109 18.62 5.87 -9.35
N VAL E 110 19.94 5.96 -9.44
CA VAL E 110 20.80 6.04 -8.27
C VAL E 110 20.50 7.30 -7.45
N ALA E 111 20.43 7.16 -6.13
CA ALA E 111 20.17 8.31 -5.27
C ALA E 111 21.08 8.29 -4.05
N ALA E 112 21.78 9.39 -3.85
CA ALA E 112 22.69 9.52 -2.74
C ALA E 112 21.87 9.73 -1.48
N PRO E 113 22.34 9.18 -0.35
CA PRO E 113 21.61 9.38 0.90
C PRO E 113 21.73 10.80 1.42
N SER E 114 20.68 11.28 2.06
CA SER E 114 20.81 12.48 2.87
C SER E 114 21.31 11.98 4.21
N VAL E 115 22.45 12.49 4.65
CA VAL E 115 23.08 12.01 5.87
C VAL E 115 22.81 12.95 7.03
N PHE E 116 22.47 12.37 8.18
CA PHE E 116 22.17 13.13 9.40
C PHE E 116 22.83 12.52 10.61
N ILE E 117 23.29 13.37 11.54
CA ILE E 117 23.90 12.88 12.76
C ILE E 117 23.20 13.46 14.00
N PHE E 118 22.98 12.59 14.97
CA PHE E 118 22.27 12.96 16.19
C PHE E 118 23.15 12.80 17.40
N PRO E 119 23.41 13.91 18.13
CA PRO E 119 24.23 13.83 19.35
C PRO E 119 23.47 13.06 20.44
N PRO E 120 24.19 12.50 21.43
CA PRO E 120 23.44 11.76 22.44
C PRO E 120 22.53 12.69 23.23
N SER E 121 21.41 12.18 23.71
CA SER E 121 20.49 12.98 24.51
C SER E 121 21.08 13.25 25.87
N ASP E 122 20.71 14.39 26.46
CA ASP E 122 21.09 14.67 27.83
C ASP E 122 20.48 13.64 28.78
N GLU E 123 19.32 13.12 28.41
CA GLU E 123 18.66 12.11 29.25
C GLU E 123 19.53 10.86 29.33
N GLN E 124 20.01 10.39 28.18
CA GLN E 124 20.86 9.22 28.15
C GLN E 124 22.18 9.43 28.88
N LEU E 125 22.72 10.65 28.81
CA LEU E 125 24.04 10.92 29.37
C LEU E 125 24.08 10.82 30.89
N LYS E 126 23.04 11.32 31.56
CA LYS E 126 22.85 11.09 33.00
C LYS E 126 22.94 9.62 33.38
N SER E 127 22.32 8.75 32.58
CA SER E 127 22.33 7.31 32.84
C SER E 127 23.76 6.76 32.79
N GLY E 128 24.66 7.48 32.13
CA GLY E 128 26.07 7.11 32.07
C GLY E 128 26.59 6.54 30.76
N THR E 129 25.78 6.61 29.71
CA THR E 129 26.17 6.11 28.40
C THR E 129 25.85 7.12 27.31
N ALA E 130 26.56 7.01 26.18
CA ALA E 130 26.36 7.91 25.08
C ALA E 130 26.14 7.12 23.80
N SER E 131 25.00 7.33 23.16
CA SER E 131 24.75 6.72 21.87
C SER E 131 24.77 7.79 20.79
N VAL E 132 25.49 7.50 19.74
CA VAL E 132 25.60 8.41 18.62
C VAL E 132 24.98 7.78 17.39
N VAL E 133 24.02 8.49 16.79
CA VAL E 133 23.22 7.94 15.70
C VAL E 133 23.56 8.64 14.39
N CYS E 134 23.78 7.85 13.35
CA CYS E 134 23.98 8.36 12.00
C CYS E 134 22.81 7.89 11.14
N LEU E 135 22.02 8.81 10.62
CA LEU E 135 20.92 8.45 9.71
C LEU E 135 21.31 8.64 8.25
N LEU E 136 21.13 7.60 7.44
CA LEU E 136 21.30 7.70 5.99
C LEU E 136 19.94 7.48 5.35
N ASN E 137 19.36 8.53 4.79
CA ASN E 137 17.99 8.43 4.32
C ASN E 137 17.79 8.43 2.81
N ASN E 138 16.90 7.54 2.38
CA ASN E 138 16.37 7.48 1.02
C ASN E 138 17.43 7.45 -0.07
N PHE E 139 18.24 6.39 -0.06
CA PHE E 139 19.27 6.10 -1.07
C PHE E 139 18.93 4.81 -1.80
N TYR E 140 19.05 4.74 -3.12
CA TYR E 140 18.61 3.50 -3.74
C TYR E 140 19.61 2.35 -3.67
N PRO E 141 20.83 2.53 -4.22
CA PRO E 141 21.55 1.25 -4.21
C PRO E 141 21.77 0.83 -2.77
N ARG E 142 21.31 -0.38 -2.48
CA ARG E 142 21.23 -0.90 -1.13
C ARG E 142 22.55 -0.82 -0.37
N GLU E 143 23.62 -1.17 -1.07
CA GLU E 143 24.96 -1.11 -0.54
C GLU E 143 25.34 0.30 -0.09
N ALA E 144 25.73 0.41 1.17
CA ALA E 144 26.23 1.67 1.71
C ALA E 144 27.17 1.33 2.84
N LYS E 145 28.14 2.22 3.10
CA LYS E 145 29.11 1.95 4.14
C LYS E 145 29.21 3.17 5.05
N VAL E 146 29.17 2.93 6.36
CA VAL E 146 29.36 3.97 7.34
C VAL E 146 30.62 3.71 8.15
N GLN E 147 31.45 4.73 8.32
CA GLN E 147 32.56 4.63 9.25
C GLN E 147 32.49 5.74 10.28
N TRP E 148 32.63 5.35 11.53
CA TRP E 148 32.61 6.28 12.64
C TRP E 148 34.02 6.72 12.94
N LYS E 149 34.22 8.04 13.00
CA LYS E 149 35.53 8.59 13.34
C LYS E 149 35.41 9.60 14.47
N VAL E 150 36.28 9.45 15.46
CA VAL E 150 36.25 10.28 16.65
C VAL E 150 37.58 11.02 16.79
N ASP E 151 37.52 12.33 16.65
CA ASP E 151 38.71 13.15 16.44
C ASP E 151 39.59 12.53 15.36
N ASN E 152 38.94 12.19 14.24
CA ASN E 152 39.59 11.65 13.04
C ASN E 152 40.25 10.30 13.30
N ALA E 153 39.76 9.60 14.32
CA ALA E 153 40.22 8.25 14.61
C ALA E 153 39.16 7.22 14.25
N LEU E 154 39.55 6.28 13.39
CA LEU E 154 38.60 5.29 12.87
C LEU E 154 38.14 4.33 13.98
N GLN E 155 36.82 4.23 14.15
CA GLN E 155 36.26 3.37 15.20
C GLN E 155 35.96 1.97 14.68
N SER E 156 36.15 0.97 15.55
CA SER E 156 35.86 -0.42 15.22
C SER E 156 35.25 -1.17 16.40
N GLY E 157 34.19 -1.93 16.13
CA GLY E 157 33.59 -2.81 17.12
C GLY E 157 32.61 -2.16 18.09
N ASN E 158 32.59 -0.83 18.10
CA ASN E 158 31.68 -0.09 18.98
C ASN E 158 30.40 0.42 18.32
N SER E 159 30.13 0.03 17.07
CA SER E 159 28.88 0.43 16.43
C SER E 159 28.04 -0.74 15.90
N GLN E 160 26.78 -0.45 15.57
CA GLN E 160 25.86 -1.42 15.01
C GLN E 160 24.90 -0.70 14.06
N GLU E 161 24.45 -1.40 13.03
CA GLU E 161 23.60 -0.79 12.01
C GLU E 161 22.52 -1.74 11.52
N SER E 162 21.46 -1.17 10.95
CA SER E 162 20.37 -1.95 10.37
C SER E 162 19.76 -1.15 9.21
N VAL E 163 19.21 -1.85 8.23
CA VAL E 163 18.67 -1.20 7.04
C VAL E 163 17.21 -1.56 6.86
N THR E 164 16.41 -0.63 6.34
CA THR E 164 15.00 -0.91 6.12
C THR E 164 14.81 -1.84 4.91
N GLU E 165 13.59 -2.33 4.73
CA GLU E 165 13.19 -2.96 3.48
C GLU E 165 12.98 -1.87 2.44
N GLN E 166 13.01 -2.23 1.16
CA GLN E 166 12.83 -1.23 0.11
C GLN E 166 11.46 -0.55 0.17
N ASP E 167 11.46 0.77 0.11
CA ASP E 167 10.23 1.54 0.10
C ASP E 167 9.45 1.31 -1.18
N SER E 168 8.17 0.97 -1.05
CA SER E 168 7.35 0.66 -2.22
C SER E 168 7.18 1.85 -3.16
N LYS E 169 6.91 3.02 -2.61
CA LYS E 169 6.61 4.20 -3.44
C LYS E 169 7.83 4.74 -4.20
N ASP E 170 8.92 5.07 -3.49
CA ASP E 170 10.08 5.67 -4.14
C ASP E 170 11.26 4.71 -4.41
N SER E 171 11.09 3.44 -4.04
CA SER E 171 12.09 2.40 -4.25
C SER E 171 13.42 2.69 -3.53
N THR E 172 13.38 3.45 -2.44
CA THR E 172 14.61 3.75 -1.71
C THR E 172 14.82 2.92 -0.45
N TYR E 173 16.00 3.09 0.15
CA TYR E 173 16.34 2.47 1.43
C TYR E 173 16.74 3.53 2.44
N SER E 174 16.70 3.19 3.72
CA SER E 174 17.37 4.02 4.72
C SER E 174 18.19 3.14 5.64
N LEU E 175 19.17 3.73 6.32
CA LEU E 175 20.08 3.01 7.18
C LEU E 175 20.35 3.86 8.40
N SER E 176 20.34 3.25 9.58
CA SER E 176 20.76 3.94 10.80
C SER E 176 21.89 3.18 11.48
N SER E 177 22.94 3.89 11.87
CA SER E 177 24.04 3.28 12.58
C SER E 177 24.14 3.95 13.94
N THR E 178 24.45 3.17 14.96
CA THR E 178 24.57 3.69 16.31
C THR E 178 25.97 3.45 16.84
N LEU E 179 26.66 4.53 17.17
CA LEU E 179 27.94 4.46 17.88
C LEU E 179 27.67 4.54 19.38
N THR E 180 28.12 3.54 20.13
CA THR E 180 27.80 3.45 21.55
C THR E 180 29.04 3.43 22.42
N LEU E 181 29.20 4.46 23.26
CA LEU E 181 30.28 4.50 24.23
C LEU E 181 29.75 4.76 25.62
N SER E 182 30.57 4.44 26.62
CA SER E 182 30.29 4.89 27.97
C SER E 182 30.45 6.41 28.00
N LYS E 183 29.84 7.05 28.99
CA LYS E 183 29.95 8.50 29.13
C LYS E 183 31.40 8.88 29.38
N ALA E 184 32.08 8.04 30.17
CA ALA E 184 33.49 8.24 30.50
C ALA E 184 34.35 8.33 29.25
N ASP E 185 34.10 7.45 28.29
CA ASP E 185 34.83 7.45 27.02
C ASP E 185 34.44 8.61 26.13
N TYR E 186 33.14 8.85 26.02
CA TYR E 186 32.60 9.89 25.16
C TYR E 186 33.14 11.28 25.52
N GLU E 187 33.26 11.55 26.82
CA GLU E 187 33.74 12.85 27.28
C GLU E 187 35.24 13.09 27.06
N LYS E 188 35.93 12.09 26.54
CA LYS E 188 37.37 12.18 26.28
C LYS E 188 37.64 12.83 24.93
N HIS E 189 36.58 13.00 24.15
CA HIS E 189 36.77 13.33 22.74
C HIS E 189 35.98 14.54 22.29
N LYS E 190 36.43 15.17 21.21
CA LYS E 190 35.81 16.38 20.71
C LYS E 190 34.91 16.15 19.51
N VAL E 191 35.51 15.74 18.40
CA VAL E 191 34.77 15.62 17.16
C VAL E 191 34.20 14.22 16.99
N TYR E 192 32.91 14.15 16.71
CA TYR E 192 32.25 12.88 16.38
C TYR E 192 31.66 13.00 14.99
N ALA E 193 32.04 12.07 14.12
CA ALA E 193 31.68 12.12 12.71
C ALA E 193 31.39 10.74 12.16
N CYS E 194 30.43 10.68 11.26
CA CYS E 194 30.17 9.45 10.53
C CYS E 194 30.50 9.74 9.08
N GLU E 195 31.34 8.90 8.49
CA GLU E 195 31.78 9.17 7.14
C GLU E 195 31.10 8.15 6.24
N VAL E 196 30.30 8.66 5.28
CA VAL E 196 29.44 7.83 4.44
C VAL E 196 29.94 7.66 3.00
N THR E 197 30.03 6.41 2.54
CA THR E 197 30.38 6.09 1.15
C THR E 197 29.24 5.33 0.48
N HIS E 198 28.87 5.81 -0.71
CA HIS E 198 27.78 5.24 -1.49
C HIS E 198 27.99 5.48 -2.98
N GLN E 199 27.41 4.62 -3.82
CA GLN E 199 27.58 4.71 -5.26
C GLN E 199 27.17 6.08 -5.83
N GLY E 200 26.20 6.71 -5.18
CA GLY E 200 25.69 7.99 -5.62
C GLY E 200 26.54 9.17 -5.20
N LEU E 201 27.66 8.89 -4.55
CA LEU E 201 28.56 9.93 -4.07
C LEU E 201 29.94 9.91 -4.73
N SER E 202 30.28 11.02 -5.38
CA SER E 202 31.57 11.15 -6.07
C SER E 202 32.68 11.20 -5.03
N SER E 203 32.34 11.68 -3.85
CA SER E 203 33.26 11.71 -2.74
C SER E 203 32.51 11.42 -1.44
N PRO E 204 33.19 10.80 -0.47
CA PRO E 204 32.59 10.43 0.81
C PRO E 204 32.06 11.66 1.53
N VAL E 205 30.85 11.58 2.08
CA VAL E 205 30.36 12.70 2.86
C VAL E 205 30.64 12.46 4.34
N THR E 206 30.99 13.54 5.04
CA THR E 206 31.21 13.46 6.48
C THR E 206 30.28 14.43 7.20
N LYS E 207 29.51 13.91 8.15
CA LYS E 207 28.72 14.76 9.03
C LYS E 207 29.20 14.66 10.46
N SER E 208 29.30 15.80 11.14
CA SER E 208 29.90 15.82 12.47
C SER E 208 29.27 16.83 13.41
N PHE E 209 29.75 16.79 14.65
CA PHE E 209 29.42 17.76 15.68
C PHE E 209 30.54 17.75 16.71
N ASN E 210 30.62 18.82 17.48
CA ASN E 210 31.54 18.89 18.61
C ASN E 210 30.77 18.64 19.91
N ARG E 211 31.32 17.80 20.78
CA ARG E 211 30.64 17.40 22.02
C ARG E 211 30.28 18.59 22.89
N GLY E 212 29.05 18.58 23.41
CA GLY E 212 28.58 19.61 24.31
C GLY E 212 27.57 20.53 23.64
N ALA F 1 10.96 -39.03 -4.53
CA ALA F 1 12.23 -39.10 -3.83
C ALA F 1 12.29 -39.42 -2.37
N VAL F 2 11.64 -38.63 -1.54
CA VAL F 2 11.57 -39.00 -0.16
C VAL F 2 10.11 -39.06 0.25
N GLY F 3 9.77 -40.06 1.00
CA GLY F 3 8.44 -40.22 1.48
C GLY F 3 8.46 -40.85 2.87
N ILE F 4 7.46 -40.55 3.66
CA ILE F 4 7.39 -41.10 4.99
C ILE F 4 6.16 -41.97 5.16
N GLY F 5 5.70 -42.59 4.09
CA GLY F 5 4.52 -43.41 4.15
C GLY F 5 3.27 -42.86 3.47
N ALA F 6 2.41 -43.72 2.99
CA ALA F 6 1.24 -43.30 2.24
C ALA F 6 0.25 -42.54 3.03
N VAL F 7 -0.46 -41.64 2.40
CA VAL F 7 -1.49 -40.85 3.05
C VAL F 7 -2.79 -41.30 2.48
N PHE F 8 -3.60 -41.85 3.37
CA PHE F 8 -4.93 -42.39 3.08
C PHE F 8 -4.88 -43.57 2.12
#